data_2D3R
#
_entry.id   2D3R
#
_cell.length_a   60.213
_cell.length_b   125.440
_cell.length_c   126.140
_cell.angle_alpha   90.00
_cell.angle_beta   90.00
_cell.angle_gamma   90.00
#
_symmetry.space_group_name_H-M   'P 21 21 21'
#
loop_
_entity.id
_entity.type
_entity.pdbx_description
1 polymer 'Lectin alpha chain'
2 non-polymer 'CALCIUM ION'
3 non-polymer 'MANGANESE (II) ION'
4 water water
#
_entity_poly.entity_id   1
_entity_poly.type   'polypeptide(L)'
_entity_poly.pdbx_seq_one_letter_code
;ADTIVAVELDTYPNTDIGDPNYQHIGINIKSIRSKATTRWNVQDGKVGTAHISYNSVAKRLSAIVSYPGGSSATVSYDVD
LNNILPEWVRVGLSASTGLYKETNTILSWSFTSKLKTNSTADAQSLHFTFNQFSQNPKDLILQGDASTDSDGNLQLTRVS
NGSPQSNSVGRALYYAPVHVWDKSAVVASFDATFTFLIKSTDSDIADGIAFFIANTDSSIPHGSGGRLLGLFPDAN
;
_entity_poly.pdbx_strand_id   A,B,C,D
#
loop_
_chem_comp.id
_chem_comp.type
_chem_comp.name
_chem_comp.formula
CA non-polymer 'CALCIUM ION' 'Ca 2'
MN non-polymer 'MANGANESE (II) ION' 'Mn 2'
#
# COMPACT_ATOMS: atom_id res chain seq x y z
N ALA A 1 10.12 28.66 -19.29
CA ALA A 1 8.77 28.12 -19.64
C ALA A 1 8.33 27.00 -18.67
N ASP A 2 7.03 26.74 -18.57
CA ASP A 2 6.55 25.58 -17.81
C ASP A 2 6.82 24.27 -18.56
N THR A 3 7.51 23.35 -17.91
CA THR A 3 7.74 22.03 -18.50
C THR A 3 6.55 21.11 -18.15
N ILE A 4 5.79 20.70 -19.17
CA ILE A 4 4.54 19.99 -18.96
C ILE A 4 4.57 18.64 -19.68
N VAL A 5 4.11 17.59 -18.99
CA VAL A 5 3.85 16.26 -19.57
C VAL A 5 2.44 15.94 -19.13
N ALA A 6 1.54 15.64 -20.06
CA ALA A 6 0.16 15.48 -19.64
C ALA A 6 -0.61 14.39 -20.37
N VAL A 7 -1.78 14.04 -19.82
CA VAL A 7 -2.72 13.18 -20.51
C VAL A 7 -4.07 13.88 -20.59
N GLU A 8 -4.52 14.08 -21.83
CA GLU A 8 -5.67 14.91 -22.12
C GLU A 8 -6.90 14.08 -22.42
N LEU A 9 -8.03 14.52 -21.89
CA LEU A 9 -9.34 13.97 -22.23
C LEU A 9 -10.11 15.01 -23.02
N ASP A 10 -9.74 15.12 -24.30
CA ASP A 10 -10.09 16.23 -25.19
C ASP A 10 -11.51 16.07 -25.70
N THR A 11 -12.40 16.94 -25.22
CA THR A 11 -13.84 16.80 -25.50
C THR A 11 -14.31 17.64 -26.71
N TYR A 12 -13.40 18.43 -27.27
CA TYR A 12 -13.69 19.20 -28.46
C TYR A 12 -12.54 19.17 -29.47
N PRO A 13 -12.84 18.74 -30.73
CA PRO A 13 -11.83 18.65 -31.78
C PRO A 13 -11.51 19.99 -32.42
N ASN A 14 -10.37 20.56 -32.05
CA ASN A 14 -9.80 21.75 -32.70
C ASN A 14 -8.84 21.33 -33.82
N THR A 15 -9.39 20.98 -34.98
CA THR A 15 -8.59 20.48 -36.09
C THR A 15 -7.47 21.46 -36.50
N ASP A 16 -7.69 22.74 -36.21
CA ASP A 16 -6.77 23.83 -36.57
C ASP A 16 -5.45 23.81 -35.80
N ILE A 17 -5.40 23.06 -34.70
CA ILE A 17 -4.14 22.90 -33.97
C ILE A 17 -3.65 21.47 -33.89
N GLY A 18 -4.23 20.59 -34.70
CA GLY A 18 -3.75 19.21 -34.84
C GLY A 18 -4.57 18.13 -34.17
N ASP A 19 -5.68 18.53 -33.54
CA ASP A 19 -6.66 17.61 -32.99
C ASP A 19 -7.22 16.73 -34.10
N PRO A 20 -7.35 15.41 -33.88
CA PRO A 20 -8.15 14.66 -34.86
C PRO A 20 -9.59 15.14 -34.88
N ASN A 21 -10.31 14.81 -35.95
CA ASN A 21 -11.67 15.29 -36.11
C ASN A 21 -12.65 14.50 -35.25
N TYR A 22 -12.27 14.27 -33.99
CA TYR A 22 -13.14 13.53 -33.08
C TYR A 22 -12.71 13.76 -31.64
N GLN A 23 -13.62 13.47 -30.71
CA GLN A 23 -13.26 13.40 -29.30
C GLN A 23 -12.21 12.29 -29.08
N HIS A 24 -11.19 12.58 -28.28
CA HIS A 24 -10.03 11.69 -28.17
C HIS A 24 -9.31 11.81 -26.83
N ILE A 25 -8.49 10.81 -26.52
CA ILE A 25 -7.47 10.90 -25.46
C ILE A 25 -6.12 11.13 -26.11
N GLY A 26 -5.23 11.82 -25.41
CA GLY A 26 -3.91 12.07 -25.94
C GLY A 26 -2.82 12.14 -24.89
N ILE A 27 -1.61 11.79 -25.31
CA ILE A 27 -0.41 11.93 -24.48
C ILE A 27 0.35 13.16 -24.96
N ASN A 28 0.36 14.21 -24.15
CA ASN A 28 1.01 15.45 -24.55
C ASN A 28 2.41 15.55 -23.96
N ILE A 29 3.38 15.84 -24.82
CA ILE A 29 4.74 16.05 -24.34
C ILE A 29 5.32 17.38 -24.77
N LYS A 30 5.45 18.26 -23.78
CA LYS A 30 5.88 19.64 -23.99
C LYS A 30 5.00 20.48 -24.93
N SER A 31 3.80 19.99 -25.28
CA SER A 31 3.00 20.60 -26.34
C SER A 31 1.53 20.14 -26.32
N ILE A 32 0.62 21.06 -26.61
CA ILE A 32 -0.79 20.69 -26.78
C ILE A 32 -1.01 19.79 -28.00
N ARG A 33 -0.04 19.75 -28.92
CA ARG A 33 -0.08 18.84 -30.08
C ARG A 33 0.36 17.44 -29.66
N SER A 34 -0.65 16.56 -29.51
CA SER A 34 -0.47 15.25 -28.89
C SER A 34 0.44 14.38 -29.70
N LYS A 35 1.32 13.67 -29.00
CA LYS A 35 2.29 12.78 -29.62
C LYS A 35 1.68 11.45 -30.05
N ALA A 36 0.53 11.12 -29.44
CA ALA A 36 -0.28 9.98 -29.83
C ALA A 36 -1.68 10.19 -29.25
N THR A 37 -2.71 10.02 -30.09
CA THR A 37 -4.11 10.12 -29.67
C THR A 37 -4.89 8.88 -30.09
N THR A 38 -6.09 8.72 -29.55
CA THR A 38 -6.97 7.60 -29.92
C THR A 38 -8.41 8.08 -29.82
N ARG A 39 -9.29 7.53 -30.66
CA ARG A 39 -10.70 7.95 -30.66
C ARG A 39 -11.37 7.63 -29.32
N TRP A 40 -12.00 8.64 -28.72
CA TRP A 40 -12.73 8.47 -27.46
C TRP A 40 -14.11 9.08 -27.53
N ASN A 41 -15.10 8.37 -27.02
CA ASN A 41 -16.47 8.88 -27.04
C ASN A 41 -16.97 9.24 -25.66
N VAL A 42 -17.06 10.54 -25.44
CA VAL A 42 -17.53 11.06 -24.18
C VAL A 42 -18.95 10.60 -23.97
N GLN A 43 -19.27 10.17 -22.77
CA GLN A 43 -20.65 9.88 -22.44
C GLN A 43 -21.18 10.95 -21.51
N ASP A 44 -22.00 11.84 -22.06
CA ASP A 44 -22.61 12.91 -21.30
C ASP A 44 -23.32 12.40 -20.01
N GLY A 45 -23.10 13.10 -18.90
CA GLY A 45 -23.78 12.74 -17.66
C GLY A 45 -23.30 11.46 -16.99
N LYS A 46 -22.39 10.72 -17.64
CA LYS A 46 -21.89 9.46 -17.08
C LYS A 46 -20.56 9.66 -16.39
N VAL A 47 -20.34 8.89 -15.33
CA VAL A 47 -19.07 8.92 -14.59
C VAL A 47 -18.02 7.98 -15.20
N GLY A 48 -16.88 8.53 -15.60
CA GLY A 48 -15.84 7.73 -16.22
C GLY A 48 -14.60 7.60 -15.37
N THR A 49 -13.71 6.70 -15.76
CA THR A 49 -12.49 6.47 -15.02
C THR A 49 -11.33 6.50 -16.00
N ALA A 50 -10.21 7.06 -15.57
CA ALA A 50 -9.00 6.98 -16.34
C ALA A 50 -7.83 6.39 -15.48
N HIS A 51 -6.91 5.68 -16.13
CA HIS A 51 -5.79 5.10 -15.43
C HIS A 51 -4.52 5.40 -16.21
N ILE A 52 -3.54 5.99 -15.53
CA ILE A 52 -2.30 6.39 -16.16
C ILE A 52 -1.12 5.62 -15.56
N SER A 53 -0.21 5.16 -16.43
CA SER A 53 0.96 4.40 -15.99
C SER A 53 2.26 4.76 -16.68
N TYR A 54 3.35 4.69 -15.92
CA TYR A 54 4.71 4.82 -16.44
C TYR A 54 5.73 4.22 -15.46
N ASN A 55 6.88 3.89 -16.01
CA ASN A 55 7.86 3.01 -15.42
C ASN A 55 9.12 3.35 -16.21
N SER A 56 10.21 3.69 -15.51
CA SER A 56 11.41 4.20 -16.19
C SER A 56 12.17 3.15 -16.96
N VAL A 57 11.82 1.87 -16.75
CA VAL A 57 12.53 0.76 -17.40
C VAL A 57 11.84 0.48 -18.71
N ALA A 58 10.51 0.36 -18.62
CA ALA A 58 9.65 0.13 -19.76
C ALA A 58 9.69 1.33 -20.71
N LYS A 59 9.83 2.52 -20.13
CA LYS A 59 9.81 3.81 -20.85
C LYS A 59 8.63 3.90 -21.78
N ARG A 60 7.48 3.40 -21.34
CA ARG A 60 6.24 3.65 -22.05
C ARG A 60 5.20 4.26 -21.14
N LEU A 61 4.71 5.42 -21.54
CA LEU A 61 3.64 6.08 -20.84
C LEU A 61 2.35 5.68 -21.50
N SER A 62 1.44 5.10 -20.74
CA SER A 62 0.14 4.71 -21.28
C SER A 62 -1.03 5.20 -20.45
N ALA A 63 -2.17 5.39 -21.11
CA ALA A 63 -3.41 5.75 -20.44
C ALA A 63 -4.58 4.90 -20.95
N ILE A 64 -5.58 4.71 -20.09
CA ILE A 64 -6.83 4.03 -20.47
C ILE A 64 -8.00 4.78 -19.86
N VAL A 65 -9.07 4.92 -20.62
CA VAL A 65 -10.24 5.61 -20.10
C VAL A 65 -11.51 4.84 -20.42
N SER A 66 -12.27 4.55 -19.38
CA SER A 66 -13.44 3.71 -19.51
C SER A 66 -14.65 4.29 -18.82
N TYR A 67 -15.81 4.09 -19.43
CA TYR A 67 -17.07 4.36 -18.77
C TYR A 67 -17.70 3.04 -18.27
N PRO A 68 -18.64 3.13 -17.32
CA PRO A 68 -19.38 1.89 -17.06
C PRO A 68 -20.06 1.41 -18.35
N GLY A 69 -20.44 0.14 -18.38
CA GLY A 69 -20.80 -0.52 -19.63
C GLY A 69 -19.51 -1.15 -20.12
N GLY A 70 -19.23 -1.00 -21.41
CA GLY A 70 -18.02 -1.62 -21.96
C GLY A 70 -16.97 -0.66 -22.49
N SER A 71 -17.43 0.48 -23.02
CA SER A 71 -16.60 1.39 -23.79
C SER A 71 -15.32 1.83 -23.07
N SER A 72 -14.17 1.61 -23.74
CA SER A 72 -12.86 1.96 -23.22
C SER A 72 -11.97 2.38 -24.37
N ALA A 73 -10.99 3.23 -24.09
CA ALA A 73 -10.00 3.63 -25.10
C ALA A 73 -8.63 3.79 -24.45
N THR A 74 -7.61 3.29 -25.13
CA THR A 74 -6.26 3.40 -24.59
C THR A 74 -5.36 4.13 -25.56
N VAL A 75 -4.33 4.77 -25.01
CA VAL A 75 -3.24 5.33 -25.82
C VAL A 75 -1.92 5.23 -25.08
N SER A 76 -0.86 5.17 -25.86
CA SER A 76 0.44 4.81 -25.35
C SER A 76 1.52 5.50 -26.17
N TYR A 77 2.58 5.95 -25.51
CA TYR A 77 3.67 6.61 -26.20
C TYR A 77 5.01 6.29 -25.56
N ASP A 78 5.99 5.97 -26.40
CA ASP A 78 7.29 5.58 -25.91
C ASP A 78 8.09 6.83 -25.70
N VAL A 79 8.52 7.05 -24.47
CA VAL A 79 9.29 8.23 -24.11
C VAL A 79 10.06 8.00 -22.82
N ASP A 80 11.27 8.53 -22.76
CA ASP A 80 12.06 8.51 -21.54
C ASP A 80 11.83 9.81 -20.76
N LEU A 81 10.96 9.76 -19.76
CA LEU A 81 10.69 10.93 -18.91
C LEU A 81 11.87 11.39 -18.04
N ASN A 82 12.97 10.62 -18.03
CA ASN A 82 14.24 11.05 -17.41
C ASN A 82 14.75 12.27 -18.18
N ASN A 83 14.67 12.21 -19.51
CA ASN A 83 15.11 13.32 -20.35
C ASN A 83 14.16 14.53 -20.39
N ILE A 84 12.91 14.31 -20.02
CA ILE A 84 11.88 15.32 -20.21
C ILE A 84 11.60 16.18 -18.95
N LEU A 85 11.52 15.54 -17.78
CA LEU A 85 11.09 16.25 -16.58
C LEU A 85 12.22 16.66 -15.66
N PRO A 86 12.03 17.75 -14.91
CA PRO A 86 12.88 18.02 -13.76
C PRO A 86 12.84 16.87 -12.74
N GLU A 87 13.94 16.74 -11.99
CA GLU A 87 14.10 15.72 -10.95
C GLU A 87 12.93 15.81 -9.97
N TRP A 88 12.41 17.02 -9.79
CA TRP A 88 11.30 17.26 -8.87
C TRP A 88 10.15 17.95 -9.59
N VAL A 89 8.93 17.48 -9.30
CA VAL A 89 7.75 17.97 -10.00
C VAL A 89 6.53 18.07 -9.09
N ARG A 90 5.41 18.51 -9.63
CA ARG A 90 4.12 18.40 -8.97
C ARG A 90 3.10 17.80 -9.92
N VAL A 91 2.16 17.03 -9.39
CA VAL A 91 1.17 16.43 -10.25
C VAL A 91 -0.15 17.10 -10.01
N GLY A 92 -0.91 17.30 -11.08
CA GLY A 92 -2.19 17.95 -10.94
C GLY A 92 -3.24 17.44 -11.90
N LEU A 93 -4.43 18.00 -11.74
CA LEU A 93 -5.51 17.84 -12.69
C LEU A 93 -5.94 19.23 -13.13
N SER A 94 -6.07 19.45 -14.43
CA SER A 94 -6.61 20.72 -14.92
C SER A 94 -7.71 20.52 -15.94
N ALA A 95 -8.58 21.53 -16.09
CA ALA A 95 -9.72 21.51 -17.02
C ALA A 95 -10.00 22.90 -17.54
N SER A 96 -10.70 22.97 -18.67
CA SER A 96 -11.07 24.26 -19.25
C SER A 96 -12.37 24.19 -20.05
N THR A 97 -13.08 25.32 -20.13
CA THR A 97 -14.21 25.45 -21.05
C THR A 97 -13.94 26.63 -21.99
N GLY A 98 -14.52 26.60 -23.18
CA GLY A 98 -14.31 27.66 -24.19
C GLY A 98 -15.57 28.49 -24.40
N LEU A 99 -15.95 28.65 -25.68
CA LEU A 99 -17.29 29.15 -25.99
C LEU A 99 -18.28 28.13 -25.46
N TYR A 100 -18.06 26.88 -25.87
CA TYR A 100 -18.82 25.76 -25.40
C TYR A 100 -18.35 25.39 -24.01
N LYS A 101 -19.28 24.89 -23.21
CA LYS A 101 -19.03 24.56 -21.80
C LYS A 101 -19.41 23.11 -21.42
N GLU A 102 -18.86 22.64 -20.29
CA GLU A 102 -19.15 21.32 -19.72
C GLU A 102 -18.84 21.37 -18.23
N THR A 103 -19.40 20.47 -17.42
CA THR A 103 -18.84 20.28 -16.08
C THR A 103 -17.56 19.50 -16.24
N ASN A 104 -16.50 19.95 -15.56
CA ASN A 104 -15.29 19.14 -15.41
C ASN A 104 -15.14 18.78 -13.94
N THR A 105 -15.89 17.75 -13.54
CA THR A 105 -16.02 17.40 -12.15
C THR A 105 -15.16 16.19 -11.84
N ILE A 106 -14.36 16.29 -10.79
CA ILE A 106 -13.59 15.14 -10.31
C ILE A 106 -14.20 14.62 -9.01
N LEU A 107 -14.43 13.32 -8.94
CA LEU A 107 -15.04 12.74 -7.75
C LEU A 107 -14.04 11.98 -6.88
N SER A 108 -12.91 11.61 -7.49
CA SER A 108 -11.87 10.83 -6.84
C SER A 108 -10.51 10.99 -7.56
N TRP A 109 -9.41 10.80 -6.84
CA TRP A 109 -8.08 10.94 -7.43
C TRP A 109 -7.11 10.18 -6.56
N SER A 110 -6.12 9.54 -7.19
CA SER A 110 -5.02 8.95 -6.41
C SER A 110 -3.74 8.80 -7.21
N PHE A 111 -2.62 8.78 -6.49
CA PHE A 111 -1.34 8.79 -7.14
C PHE A 111 -0.29 8.01 -6.34
N THR A 112 0.31 7.00 -6.96
CA THR A 112 1.52 6.39 -6.41
C THR A 112 2.72 6.80 -7.24
N SER A 113 3.80 7.18 -6.55
CA SER A 113 5.15 7.28 -7.15
C SER A 113 6.18 6.53 -6.33
N LYS A 114 7.00 5.74 -7.00
CA LYS A 114 8.08 5.04 -6.32
C LYS A 114 9.45 5.29 -6.95
N LEU A 115 10.46 5.38 -6.10
CA LEU A 115 11.85 5.42 -6.50
C LEU A 115 12.47 4.18 -5.91
N LYS A 116 12.99 3.32 -6.79
CA LYS A 116 13.39 2.01 -6.36
C LYS A 116 14.91 1.89 -6.39
N THR A 117 15.46 1.00 -5.55
CA THR A 117 16.89 0.67 -5.57
C THR A 117 17.11 -0.79 -5.15
N ASN A 118 18.25 -1.03 -4.51
CA ASN A 118 18.72 -2.37 -4.17
C ASN A 118 18.09 -2.97 -2.90
N SER A 119 16.79 -3.29 -2.98
CA SER A 119 15.99 -3.72 -1.83
C SER A 119 14.54 -3.88 -2.27
N THR A 120 13.64 -4.10 -1.31
CA THR A 120 12.23 -3.72 -1.54
C THR A 120 11.92 -2.46 -0.75
N ALA A 121 12.86 -2.10 0.12
CA ALA A 121 12.92 -0.77 0.63
C ALA A 121 12.89 0.10 -0.62
N ASP A 122 11.71 0.66 -0.89
CA ASP A 122 11.61 1.76 -1.79
C ASP A 122 12.54 2.85 -1.25
N ALA A 123 13.41 3.38 -2.10
CA ALA A 123 14.31 4.46 -1.71
C ALA A 123 13.47 5.63 -1.21
N GLN A 124 12.41 5.92 -1.96
CA GLN A 124 11.46 6.97 -1.62
C GLN A 124 10.14 6.68 -2.33
N SER A 125 9.02 7.03 -1.70
CA SER A 125 7.75 6.87 -2.37
C SER A 125 6.65 7.68 -1.73
N LEU A 126 5.64 7.97 -2.54
CA LEU A 126 4.50 8.75 -2.10
C LEU A 126 3.24 8.12 -2.63
N HIS A 127 2.19 8.18 -1.82
CA HIS A 127 0.90 7.66 -2.20
C HIS A 127 -0.16 8.47 -1.50
N PHE A 128 -1.02 9.12 -2.28
CA PHE A 128 -2.16 9.82 -1.73
C PHE A 128 -3.42 9.39 -2.44
N THR A 129 -4.55 9.42 -1.73
CA THR A 129 -5.82 9.01 -2.30
C THR A 129 -6.94 9.92 -1.84
N PHE A 130 -7.69 10.45 -2.81
CA PHE A 130 -8.88 11.24 -2.50
C PHE A 130 -10.10 10.56 -3.08
N ASN A 131 -11.13 10.42 -2.27
CA ASN A 131 -12.42 9.85 -2.72
C ASN A 131 -13.53 10.82 -2.40
N GLN A 132 -13.27 11.64 -1.38
CA GLN A 132 -14.06 12.81 -1.13
C GLN A 132 -13.11 13.96 -0.87
N PHE A 133 -13.38 15.10 -1.50
CA PHE A 133 -12.57 16.31 -1.26
C PHE A 133 -13.24 17.16 -0.21
N SER A 134 -12.51 17.40 0.89
CA SER A 134 -13.00 18.24 1.97
C SER A 134 -13.31 19.62 1.43
N GLN A 135 -14.16 20.36 2.13
CA GLN A 135 -14.65 21.65 1.60
C GLN A 135 -13.55 22.69 1.42
N ASN A 136 -12.35 22.33 1.88
CA ASN A 136 -11.24 23.28 1.96
C ASN A 136 -9.91 22.52 1.96
N PRO A 137 -9.54 21.91 0.82
CA PRO A 137 -8.38 21.02 0.85
C PRO A 137 -7.01 21.70 1.03
N LYS A 138 -6.46 21.59 2.22
CA LYS A 138 -5.16 22.22 2.52
C LYS A 138 -3.98 21.45 1.89
N ASP A 139 -4.28 20.27 1.36
CA ASP A 139 -3.28 19.47 0.63
C ASP A 139 -3.31 19.69 -0.90
N LEU A 140 -4.26 20.50 -1.36
CA LEU A 140 -4.30 20.88 -2.77
C LEU A 140 -3.97 22.37 -3.02
N ILE A 141 -3.16 22.64 -4.02
CA ILE A 141 -2.97 24.01 -4.52
C ILE A 141 -3.99 24.25 -5.64
N LEU A 142 -5.04 24.99 -5.34
CA LEU A 142 -6.13 25.26 -6.29
C LEU A 142 -5.85 26.54 -7.07
N GLN A 143 -5.92 26.45 -8.40
CA GLN A 143 -5.62 27.60 -9.28
C GLN A 143 -6.82 27.90 -10.20
N GLY A 144 -6.97 29.14 -10.67
CA GLY A 144 -8.07 29.49 -11.58
C GLY A 144 -9.42 29.31 -10.92
N ASP A 145 -10.42 28.89 -11.70
CA ASP A 145 -11.80 28.73 -11.20
C ASP A 145 -12.05 27.48 -10.33
N ALA A 146 -11.02 26.66 -10.12
CA ALA A 146 -11.15 25.39 -9.38
C ALA A 146 -11.52 25.57 -7.91
N SER A 147 -12.48 24.78 -7.45
CA SER A 147 -12.98 24.83 -6.07
C SER A 147 -13.64 23.48 -5.72
N THR A 148 -14.04 23.29 -4.47
CA THR A 148 -14.75 22.04 -4.10
C THR A 148 -16.20 22.30 -3.71
N ASP A 149 -17.14 21.55 -4.31
CA ASP A 149 -18.57 21.77 -4.03
C ASP A 149 -19.01 21.18 -2.70
N SER A 150 -20.28 21.38 -2.35
CA SER A 150 -20.81 20.86 -1.08
C SER A 150 -21.14 19.35 -1.09
N ASP A 151 -20.82 18.68 -2.20
CA ASP A 151 -20.92 17.23 -2.31
C ASP A 151 -19.59 16.55 -1.94
N GLY A 152 -18.50 17.31 -1.92
CA GLY A 152 -17.18 16.70 -1.76
C GLY A 152 -16.72 16.27 -3.15
N ASN A 153 -17.07 17.08 -4.14
CA ASN A 153 -16.54 16.98 -5.47
C ASN A 153 -15.58 18.13 -5.74
N LEU A 154 -14.74 17.95 -6.75
CA LEU A 154 -13.78 18.97 -7.14
C LEU A 154 -14.17 19.47 -8.51
N GLN A 155 -14.68 20.70 -8.55
CA GLN A 155 -15.06 21.33 -9.81
C GLN A 155 -13.89 22.16 -10.29
N LEU A 156 -13.09 21.59 -11.19
CA LEU A 156 -11.97 22.30 -11.77
C LEU A 156 -12.39 23.59 -12.49
N THR A 157 -13.52 23.52 -13.20
CA THR A 157 -14.10 24.70 -13.86
C THR A 157 -15.44 25.06 -13.18
N ARG A 158 -15.83 26.35 -13.30
CA ARG A 158 -17.04 26.90 -12.62
C ARG A 158 -18.35 26.30 -13.10
N VAL A 159 -19.28 26.22 -12.15
CA VAL A 159 -20.55 25.56 -12.34
C VAL A 159 -21.49 26.36 -11.46
N SER A 160 -22.46 27.01 -12.09
CA SER A 160 -23.40 27.83 -11.32
C SER A 160 -24.79 27.24 -11.31
N ASN A 161 -25.14 26.71 -10.13
CA ASN A 161 -26.50 26.28 -9.84
C ASN A 161 -26.90 25.12 -10.75
N GLY A 162 -25.95 24.19 -10.93
CA GLY A 162 -26.15 23.00 -11.77
C GLY A 162 -25.65 23.20 -13.19
N SER A 163 -25.50 24.45 -13.60
CA SER A 163 -25.10 24.75 -14.96
C SER A 163 -23.63 25.12 -14.99
N PRO A 164 -22.85 24.44 -15.85
CA PRO A 164 -21.45 24.81 -16.15
C PRO A 164 -21.31 26.16 -16.86
N GLN A 165 -20.17 26.83 -16.66
CA GLN A 165 -19.89 28.19 -17.21
C GLN A 165 -18.80 28.21 -18.27
N SER A 166 -18.93 29.14 -19.24
CA SER A 166 -17.98 29.27 -20.34
C SER A 166 -16.70 29.99 -19.92
N ASN A 167 -15.66 29.85 -20.74
CA ASN A 167 -14.38 30.56 -20.52
C ASN A 167 -13.87 30.42 -19.09
N SER A 168 -13.82 29.17 -18.63
CA SER A 168 -13.46 28.85 -17.26
C SER A 168 -12.24 27.93 -17.31
N VAL A 169 -11.23 28.22 -16.51
CA VAL A 169 -10.12 27.27 -16.33
C VAL A 169 -9.87 27.02 -14.86
N GLY A 170 -9.51 25.77 -14.56
CA GLY A 170 -9.17 25.36 -13.21
C GLY A 170 -8.03 24.36 -13.23
N ARG A 171 -7.15 24.46 -12.25
CA ARG A 171 -6.12 23.46 -12.04
C ARG A 171 -6.14 23.15 -10.55
N ALA A 172 -5.59 21.98 -10.21
CA ALA A 172 -5.53 21.52 -8.84
C ALA A 172 -4.32 20.63 -8.76
N LEU A 173 -3.37 21.04 -7.93
CA LEU A 173 -2.12 20.33 -7.80
C LEU A 173 -1.95 19.79 -6.38
N TYR A 174 -1.42 18.58 -6.25
CA TYR A 174 -1.10 18.08 -4.92
C TYR A 174 0.01 18.94 -4.35
N TYR A 175 -0.11 19.22 -3.05
CA TYR A 175 0.72 20.22 -2.35
C TYR A 175 2.20 19.86 -2.36
N ALA A 176 2.49 18.59 -2.10
CA ALA A 176 3.85 18.09 -1.97
C ALA A 176 4.47 17.85 -3.33
N PRO A 177 5.72 18.32 -3.52
CA PRO A 177 6.48 18.04 -4.71
C PRO A 177 6.79 16.55 -4.72
N VAL A 178 6.83 15.93 -5.90
CA VAL A 178 7.12 14.51 -6.00
C VAL A 178 8.53 14.36 -6.53
N HIS A 179 9.32 13.47 -5.92
CA HIS A 179 10.66 13.17 -6.42
C HIS A 179 10.51 12.13 -7.54
N VAL A 180 10.56 12.56 -8.80
CA VAL A 180 10.16 11.70 -9.94
C VAL A 180 11.28 10.77 -10.38
N TRP A 181 12.51 11.24 -10.27
CA TRP A 181 13.71 10.42 -10.48
C TRP A 181 14.85 11.01 -9.67
N ASP A 182 15.77 10.16 -9.24
CA ASP A 182 17.00 10.59 -8.58
C ASP A 182 18.11 9.98 -9.44
N LYS A 183 19.30 10.57 -9.44
CA LYS A 183 20.40 9.96 -10.18
C LYS A 183 20.79 8.56 -9.66
N SER A 184 20.70 8.38 -8.34
CA SER A 184 21.07 7.12 -7.71
C SER A 184 19.96 6.07 -7.78
N ALA A 185 18.81 6.43 -8.36
CA ALA A 185 17.67 5.51 -8.46
C ALA A 185 17.88 4.45 -9.55
N VAL A 186 17.17 3.33 -9.42
CA VAL A 186 17.34 2.22 -10.35
C VAL A 186 16.07 2.05 -11.24
N VAL A 187 14.91 2.15 -10.62
CA VAL A 187 13.62 2.24 -11.31
C VAL A 187 12.84 3.39 -10.70
N ALA A 188 12.06 4.08 -11.53
CA ALA A 188 11.21 5.16 -11.07
C ALA A 188 9.88 4.92 -11.73
N SER A 189 8.82 4.88 -10.94
CA SER A 189 7.51 4.61 -11.54
C SER A 189 6.40 5.41 -10.88
N PHE A 190 5.33 5.66 -11.65
CA PHE A 190 4.11 6.29 -11.13
C PHE A 190 2.84 5.73 -11.76
N ASP A 191 1.75 5.86 -11.01
CA ASP A 191 0.42 5.51 -11.48
C ASP A 191 -0.54 6.55 -10.96
N ALA A 192 -1.58 6.81 -11.74
CA ALA A 192 -2.58 7.77 -11.31
C ALA A 192 -3.94 7.25 -11.75
N THR A 193 -4.94 7.53 -10.93
CA THR A 193 -6.32 7.21 -11.25
C THR A 193 -7.16 8.38 -10.82
N PHE A 194 -8.13 8.73 -11.65
CA PHE A 194 -9.14 9.68 -11.21
C PHE A 194 -10.44 9.32 -11.88
N THR A 195 -11.55 9.69 -11.23
CA THR A 195 -12.89 9.45 -11.79
C THR A 195 -13.54 10.78 -12.04
N PHE A 196 -14.17 10.92 -13.22
CA PHE A 196 -14.68 12.21 -13.71
C PHE A 196 -16.15 12.19 -14.14
N LEU A 197 -16.70 13.38 -14.36
CA LEU A 197 -18.09 13.55 -14.80
C LEU A 197 -18.24 14.76 -15.74
N ILE A 198 -18.31 14.50 -17.05
CA ILE A 198 -18.58 15.54 -18.04
C ILE A 198 -20.06 15.55 -18.37
N LYS A 199 -20.70 16.68 -18.07
CA LYS A 199 -22.13 16.87 -18.27
C LYS A 199 -22.35 18.16 -19.06
N SER A 200 -23.51 18.28 -19.69
CA SER A 200 -23.98 19.52 -20.34
C SER A 200 -25.36 19.34 -20.96
N THR A 201 -26.15 20.40 -20.98
CA THR A 201 -27.46 20.33 -21.62
C THR A 201 -27.32 20.40 -23.13
N ASP A 202 -26.20 20.98 -23.60
CA ASP A 202 -25.84 21.01 -25.02
C ASP A 202 -25.10 19.75 -25.44
N SER A 203 -25.44 19.26 -26.63
CA SER A 203 -24.73 18.14 -27.19
C SER A 203 -23.28 18.53 -27.54
N ASP A 204 -23.09 19.79 -27.90
CA ASP A 204 -21.76 20.28 -28.26
C ASP A 204 -21.04 20.77 -27.00
N ILE A 205 -19.97 20.07 -26.60
CA ILE A 205 -19.25 20.43 -25.39
C ILE A 205 -17.75 20.70 -25.62
N ALA A 206 -17.18 21.50 -24.73
CA ALA A 206 -15.74 21.79 -24.71
C ALA A 206 -15.34 22.11 -23.27
N ASP A 207 -14.08 21.89 -22.87
CA ASP A 207 -12.97 21.49 -23.74
C ASP A 207 -12.24 20.22 -23.33
N GLY A 208 -12.29 19.87 -22.05
CA GLY A 208 -11.65 18.65 -21.56
C GLY A 208 -11.03 18.66 -20.17
N ILE A 209 -10.36 17.58 -19.81
CA ILE A 209 -9.69 17.44 -18.52
C ILE A 209 -8.34 16.83 -18.76
N ALA A 210 -7.38 17.20 -17.94
CA ALA A 210 -6.03 16.72 -18.08
C ALA A 210 -5.57 16.29 -16.73
N PHE A 211 -4.66 15.32 -16.74
CA PHE A 211 -3.78 15.03 -15.62
C PHE A 211 -2.43 15.43 -16.16
N PHE A 212 -1.63 16.09 -15.33
CA PHE A 212 -0.30 16.56 -15.73
C PHE A 212 0.72 16.46 -14.63
N ILE A 213 1.97 16.41 -15.05
CA ILE A 213 3.14 16.52 -14.22
C ILE A 213 3.85 17.76 -14.77
N ALA A 214 4.49 18.53 -13.89
CA ALA A 214 5.05 19.85 -14.23
C ALA A 214 6.15 20.25 -13.27
N ASN A 215 6.99 21.23 -13.64
CA ASN A 215 7.90 21.87 -12.69
C ASN A 215 7.10 22.32 -11.46
N THR A 216 7.72 22.32 -10.28
CA THR A 216 6.94 22.47 -9.04
C THR A 216 6.12 23.77 -8.95
N ASP A 217 6.69 24.87 -9.44
CA ASP A 217 6.06 26.17 -9.33
C ASP A 217 5.07 26.46 -10.46
N SER A 218 4.82 25.45 -11.29
CA SER A 218 3.89 25.58 -12.40
C SER A 218 2.60 26.27 -11.97
N SER A 219 2.26 27.34 -12.68
CA SER A 219 0.95 27.97 -12.55
C SER A 219 0.29 28.04 -13.90
N ILE A 220 -1.03 28.30 -13.93
CA ILE A 220 -1.79 28.47 -15.18
C ILE A 220 -1.16 29.56 -16.08
N PRO A 221 -0.57 29.14 -17.20
CA PRO A 221 0.10 30.08 -18.11
C PRO A 221 -0.85 31.10 -18.75
N HIS A 222 -0.34 32.26 -19.14
CA HIS A 222 -1.16 33.37 -19.70
C HIS A 222 -1.89 33.00 -20.99
N GLY A 223 -3.20 33.24 -21.02
CA GLY A 223 -4.01 32.94 -22.20
C GLY A 223 -4.16 31.46 -22.56
N SER A 224 -4.17 30.61 -21.54
CA SER A 224 -4.18 29.17 -21.72
C SER A 224 -5.57 28.56 -21.46
N GLY A 225 -6.62 29.21 -21.92
CA GLY A 225 -7.96 28.98 -21.33
C GLY A 225 -9.08 28.28 -22.11
N GLY A 226 -8.71 27.51 -23.12
CA GLY A 226 -9.73 26.82 -23.90
C GLY A 226 -9.13 25.56 -24.41
N ARG A 227 -8.95 25.49 -25.72
CA ARG A 227 -8.31 24.36 -26.40
C ARG A 227 -6.95 23.96 -25.80
N LEU A 228 -6.38 24.84 -24.98
CA LEU A 228 -5.08 24.60 -24.34
C LEU A 228 -5.21 24.05 -22.91
N LEU A 229 -6.45 23.84 -22.47
CA LEU A 229 -6.76 23.10 -21.25
C LEU A 229 -5.95 23.52 -20.04
N GLY A 230 -5.67 24.82 -19.95
CA GLY A 230 -4.92 25.38 -18.82
C GLY A 230 -3.48 24.90 -18.70
N LEU A 231 -2.93 24.32 -19.77
CA LEU A 231 -1.57 23.75 -19.71
C LEU A 231 -0.48 24.54 -20.42
N PHE A 232 -0.84 25.09 -21.58
CA PHE A 232 0.14 25.71 -22.46
C PHE A 232 -0.20 27.17 -22.79
N PRO A 233 0.84 28.00 -22.97
CA PRO A 233 0.70 29.39 -23.39
C PRO A 233 0.19 29.51 -24.81
N ASP A 234 0.73 28.70 -25.70
CA ASP A 234 0.41 28.78 -27.12
C ASP A 234 0.10 27.38 -27.64
N ALA A 235 0.16 27.19 -28.95
CA ALA A 235 -0.28 25.95 -29.58
C ALA A 235 0.83 25.22 -30.33
N ASN A 236 2.06 25.59 -30.03
CA ASN A 236 3.25 24.94 -30.59
C ASN A 236 3.47 23.52 -30.08
N ALA B 1 -1.98 28.54 20.81
CA ALA B 1 -0.51 28.31 20.62
C ALA B 1 -0.24 27.28 19.50
N ASP B 2 0.90 26.60 19.61
CA ASP B 2 1.18 25.42 18.82
C ASP B 2 0.50 24.27 19.56
N THR B 3 -0.24 23.41 18.85
CA THR B 3 -0.74 22.18 19.51
C THR B 3 0.04 20.90 19.10
N ILE B 4 0.98 20.52 19.95
CA ILE B 4 1.84 19.38 19.65
C ILE B 4 1.41 18.06 20.36
N VAL B 5 1.23 17.00 19.57
CA VAL B 5 1.19 15.61 20.06
C VAL B 5 2.52 15.03 19.67
N ALA B 6 3.26 14.49 20.63
CA ALA B 6 4.62 14.01 20.35
C ALA B 6 4.97 12.69 21.02
N VAL B 7 5.96 12.01 20.44
CA VAL B 7 6.51 10.79 21.01
C VAL B 7 7.99 11.05 21.11
N GLU B 8 8.48 11.12 22.33
CA GLU B 8 9.87 11.49 22.55
C GLU B 8 10.77 10.28 22.85
N LEU B 9 11.97 10.31 22.26
CA LEU B 9 13.05 9.43 22.67
C LEU B 9 14.03 10.26 23.51
N ASP B 10 13.75 10.35 24.81
CA ASP B 10 14.44 11.29 25.69
C ASP B 10 15.76 10.72 26.24
N THR B 11 16.90 11.27 25.80
CA THR B 11 18.21 10.67 26.15
C THR B 11 18.89 11.25 27.38
N TYR B 12 18.30 12.29 27.98
CA TYR B 12 18.86 12.88 29.19
C TYR B 12 17.78 13.32 30.18
N PRO B 13 17.85 12.78 31.43
CA PRO B 13 16.83 13.01 32.46
C PRO B 13 16.89 14.41 33.05
N ASN B 14 15.86 15.21 32.74
CA ASN B 14 15.65 16.52 33.35
C ASN B 14 14.55 16.44 34.42
N THR B 15 14.95 15.92 35.59
CA THR B 15 14.02 15.64 36.69
C THR B 15 13.25 16.86 37.16
N ASP B 16 13.86 18.04 37.02
CA ASP B 16 13.22 19.32 37.42
C ASP B 16 11.88 19.59 36.71
N ILE B 17 11.70 19.00 35.52
CA ILE B 17 10.44 19.13 34.78
C ILE B 17 9.75 17.79 34.54
N GLY B 18 9.81 16.90 35.53
CA GLY B 18 9.02 15.65 35.49
C GLY B 18 9.56 14.47 34.69
N ASP B 19 10.71 14.64 34.05
CA ASP B 19 11.41 13.54 33.43
C ASP B 19 11.71 12.50 34.51
N PRO B 20 11.49 11.21 34.20
CA PRO B 20 11.99 10.23 35.14
C PRO B 20 13.52 10.28 35.19
N ASN B 21 14.08 9.87 36.32
CA ASN B 21 15.51 9.94 36.51
C ASN B 21 16.23 8.85 35.73
N TYR B 22 15.91 8.73 34.45
CA TYR B 22 16.57 7.75 33.57
C TYR B 22 16.16 7.98 32.10
N GLN B 23 17.00 7.52 31.17
CA GLN B 23 16.68 7.61 29.73
C GLN B 23 15.33 6.92 29.50
N HIS B 24 14.51 7.47 28.61
CA HIS B 24 13.15 6.97 28.47
C HIS B 24 12.47 7.37 27.17
N ILE B 25 11.25 6.89 26.99
CA ILE B 25 10.38 7.27 25.88
C ILE B 25 9.05 7.76 26.45
N GLY B 26 8.44 8.75 25.81
CA GLY B 26 7.22 9.28 26.36
C GLY B 26 6.18 9.71 25.36
N ILE B 27 4.92 9.59 25.76
CA ILE B 27 3.84 10.15 25.00
C ILE B 27 3.60 11.51 25.62
N ASN B 28 3.75 12.58 24.82
CA ASN B 28 3.46 13.97 25.24
C ASN B 28 2.21 14.49 24.54
N ILE B 29 1.23 14.93 25.32
CA ILE B 29 0.03 15.58 24.78
C ILE B 29 -0.01 17.02 25.28
N LYS B 30 0.29 17.95 24.37
CA LYS B 30 0.37 19.41 24.64
C LYS B 30 1.36 19.89 25.71
N SER B 31 2.27 19.03 26.16
CA SER B 31 3.26 19.41 27.18
C SER B 31 4.48 18.53 27.10
N ILE B 32 5.61 19.06 27.56
CA ILE B 32 6.85 18.28 27.55
C ILE B 32 6.89 17.21 28.66
N ARG B 33 6.08 17.43 29.69
CA ARG B 33 5.90 16.48 30.77
C ARG B 33 5.06 15.32 30.26
N SER B 34 5.74 14.23 29.90
CA SER B 34 5.11 13.07 29.27
C SER B 34 3.90 12.60 30.06
N LYS B 35 2.78 12.37 29.36
CA LYS B 35 1.56 11.88 30.01
C LYS B 35 1.70 10.37 30.32
N ALA B 36 2.78 9.77 29.79
CA ALA B 36 3.12 8.37 30.02
C ALA B 36 4.60 8.19 29.69
N THR B 37 5.31 7.39 30.46
CA THR B 37 6.76 7.24 30.31
C THR B 37 7.12 5.76 30.44
N THR B 38 8.25 5.36 29.85
CA THR B 38 8.77 3.98 29.98
C THR B 38 10.29 3.99 29.81
N ARG B 39 10.98 3.33 30.75
CA ARG B 39 12.42 3.25 30.71
C ARG B 39 12.92 2.66 29.40
N TRP B 40 13.97 3.27 28.89
CA TRP B 40 14.56 2.92 27.62
C TRP B 40 16.05 3.17 27.72
N ASN B 41 16.83 2.26 27.19
CA ASN B 41 18.25 2.46 27.27
C ASN B 41 18.92 2.68 25.91
N VAL B 42 19.58 3.82 25.76
CA VAL B 42 20.20 4.14 24.49
C VAL B 42 21.38 3.25 24.28
N GLN B 43 21.49 2.71 23.07
CA GLN B 43 22.70 2.03 22.60
C GLN B 43 23.44 2.99 21.67
N ASP B 44 24.53 3.55 22.18
CA ASP B 44 25.35 4.53 21.47
C ASP B 44 25.94 3.95 20.18
N GLY B 45 25.73 4.66 19.07
CA GLY B 45 26.31 4.26 17.78
C GLY B 45 25.68 3.05 17.10
N LYS B 46 24.47 2.71 17.51
CA LYS B 46 23.70 1.59 16.95
C LYS B 46 22.46 2.13 16.24
N VAL B 47 21.90 1.32 15.36
CA VAL B 47 20.69 1.69 14.63
C VAL B 47 19.45 1.20 15.38
N GLY B 48 18.64 2.14 15.87
CA GLY B 48 17.36 1.87 16.48
C GLY B 48 16.20 1.99 15.51
N THR B 49 15.03 1.51 15.94
CA THR B 49 13.80 1.57 15.15
C THR B 49 12.64 2.01 16.05
N ALA B 50 11.80 2.94 15.58
CA ALA B 50 10.63 3.33 16.35
C ALA B 50 9.36 3.14 15.55
N HIS B 51 8.33 2.56 16.17
CA HIS B 51 7.02 2.42 15.55
C HIS B 51 5.94 3.11 16.36
N ILE B 52 5.14 3.93 15.69
CA ILE B 52 4.08 4.69 16.35
C ILE B 52 2.74 4.29 15.78
N SER B 53 1.72 4.16 16.63
CA SER B 53 0.40 3.72 16.20
C SER B 53 -0.74 4.51 16.80
N TYR B 54 -1.67 4.95 15.96
CA TYR B 54 -2.95 5.40 16.47
C TYR B 54 -4.13 4.91 15.63
N ASN B 55 -5.23 4.60 16.33
CA ASN B 55 -6.50 4.22 15.74
C ASN B 55 -7.59 4.95 16.50
N SER B 56 -8.50 5.63 15.80
CA SER B 56 -9.50 6.47 16.48
C SER B 56 -10.64 5.73 17.21
N VAL B 57 -10.78 4.44 16.96
CA VAL B 57 -11.77 3.62 17.66
C VAL B 57 -11.16 3.08 18.96
N ALA B 58 -9.91 2.66 18.87
CA ALA B 58 -9.14 2.17 20.00
C ALA B 58 -8.86 3.31 20.95
N LYS B 59 -8.70 4.51 20.39
CA LYS B 59 -8.31 5.70 21.13
C LYS B 59 -7.13 5.44 22.08
N ARG B 60 -6.11 4.75 21.56
CA ARG B 60 -4.89 4.57 22.30
C ARG B 60 -3.67 4.78 21.44
N LEU B 61 -2.87 5.77 21.81
CA LEU B 61 -1.65 6.08 21.12
C LEU B 61 -0.52 5.28 21.75
N SER B 62 0.16 4.48 20.94
CA SER B 62 1.25 3.67 21.45
C SER B 62 2.49 3.75 20.57
N ALA B 63 3.63 3.42 21.18
CA ALA B 63 4.93 3.50 20.52
C ALA B 63 5.95 2.50 21.04
N ILE B 64 6.72 1.93 20.13
CA ILE B 64 7.72 0.90 20.42
C ILE B 64 9.09 1.40 19.94
N VAL B 65 10.15 1.11 20.69
CA VAL B 65 11.51 1.53 20.31
C VAL B 65 12.52 0.42 20.58
N SER B 66 13.26 0.01 19.56
CA SER B 66 13.90 -1.30 19.56
C SER B 66 15.22 -1.33 18.79
N TYR B 67 16.18 -2.05 19.33
CA TYR B 67 17.46 -2.22 18.71
C TYR B 67 17.62 -3.69 18.34
N PRO B 68 18.35 -3.98 17.25
CA PRO B 68 18.72 -5.36 16.96
C PRO B 68 19.25 -6.04 18.21
N GLY B 69 19.15 -7.36 18.24
CA GLY B 69 19.36 -8.15 19.48
C GLY B 69 17.98 -8.49 20.04
N GLY B 70 17.58 -7.83 21.12
CA GLY B 70 16.20 -7.96 21.62
C GLY B 70 15.67 -6.68 22.23
N SER B 71 16.55 -6.01 22.99
CA SER B 71 16.25 -4.75 23.65
C SER B 71 15.08 -4.00 22.97
N SER B 72 14.01 -3.74 23.72
CA SER B 72 12.94 -2.86 23.26
C SER B 72 12.18 -2.24 24.43
N ALA B 73 11.35 -1.25 24.15
CA ALA B 73 10.57 -0.58 25.18
C ALA B 73 9.27 -0.06 24.60
N THR B 74 8.16 -0.27 25.29
CA THR B 74 6.86 0.19 24.79
C THR B 74 6.24 1.21 25.72
N VAL B 75 5.36 2.04 25.16
CA VAL B 75 4.60 3.01 25.93
C VAL B 75 3.30 3.25 25.19
N SER B 76 2.22 3.44 25.93
CA SER B 76 0.94 3.80 25.34
C SER B 76 0.07 4.64 26.28
N TYR B 77 -0.92 5.31 25.70
CA TYR B 77 -1.72 6.28 26.43
C TYR B 77 -3.08 6.39 25.77
N ASP B 78 -4.12 6.26 26.58
CA ASP B 78 -5.49 6.34 26.10
C ASP B 78 -5.95 7.78 25.94
N VAL B 79 -6.14 8.20 24.70
CA VAL B 79 -6.57 9.57 24.43
C VAL B 79 -7.39 9.70 23.13
N ASP B 80 -8.47 10.45 23.20
CA ASP B 80 -9.20 10.81 21.99
C ASP B 80 -8.47 11.98 21.36
N LEU B 81 -7.73 11.70 20.30
CA LEU B 81 -6.97 12.71 19.61
C LEU B 81 -7.89 13.66 18.83
N ASN B 82 -9.08 13.19 18.47
CA ASN B 82 -10.08 14.05 17.84
C ASN B 82 -10.32 15.34 18.64
N ASN B 83 -10.22 15.23 19.96
CA ASN B 83 -10.47 16.33 20.88
C ASN B 83 -9.24 17.15 21.23
N ILE B 84 -8.10 16.74 20.69
CA ILE B 84 -6.85 17.43 20.96
C ILE B 84 -6.37 18.07 19.65
N LEU B 85 -6.63 17.41 18.53
CA LEU B 85 -6.02 17.78 17.27
C LEU B 85 -6.94 18.51 16.29
N PRO B 86 -6.40 19.51 15.53
CA PRO B 86 -7.20 20.22 14.53
C PRO B 86 -7.37 19.38 13.27
N GLU B 87 -8.46 19.62 12.56
CA GLU B 87 -8.75 18.91 11.31
C GLU B 87 -7.51 18.68 10.42
N TRP B 88 -6.63 19.67 10.37
CA TRP B 88 -5.46 19.57 9.52
C TRP B 88 -4.18 19.62 10.32
N VAL B 89 -3.22 18.78 9.95
CA VAL B 89 -1.91 18.78 10.60
C VAL B 89 -0.76 18.62 9.60
N ARG B 90 0.45 18.88 10.07
CA ARG B 90 1.65 18.38 9.39
C ARG B 90 2.39 17.50 10.38
N VAL B 91 3.11 16.50 9.87
CA VAL B 91 3.90 15.64 10.74
C VAL B 91 5.37 15.87 10.53
N GLY B 92 6.15 15.50 11.54
CA GLY B 92 7.57 15.68 11.45
C GLY B 92 8.38 14.96 12.49
N LEU B 93 9.69 15.14 12.36
CA LEU B 93 10.69 14.71 13.33
C LEU B 93 11.48 15.94 13.85
N SER B 94 11.75 15.97 15.15
CA SER B 94 12.61 17.01 15.74
C SER B 94 13.62 16.45 16.73
N ALA B 95 14.66 17.22 17.01
CA ALA B 95 15.79 16.79 17.80
C ALA B 95 16.55 18.00 18.29
N SER B 96 17.34 17.81 19.34
CA SER B 96 18.06 18.92 19.99
C SER B 96 19.23 18.40 20.84
N THR B 97 20.30 19.20 20.94
CA THR B 97 21.38 18.93 21.91
C THR B 97 21.48 20.12 22.85
N GLY B 98 22.09 19.92 24.02
CA GLY B 98 22.23 20.97 25.06
C GLY B 98 23.68 21.41 25.16
N LEU B 99 24.22 21.39 26.37
CA LEU B 99 25.67 21.43 26.48
C LEU B 99 26.18 20.04 26.05
N TYR B 100 25.49 19.00 26.53
CA TYR B 100 25.79 17.62 26.12
C TYR B 100 25.17 17.35 24.75
N LYS B 101 25.83 16.49 23.99
CA LYS B 101 25.55 16.37 22.56
C LYS B 101 25.37 14.91 22.12
N GLU B 102 24.75 14.75 20.95
CA GLU B 102 24.60 13.45 20.28
C GLU B 102 24.30 13.65 18.80
N THR B 103 24.66 12.68 17.96
CA THR B 103 24.10 12.68 16.62
C THR B 103 22.62 12.36 16.76
N ASN B 104 21.78 13.12 16.07
CA ASN B 104 20.36 12.80 15.96
C ASN B 104 20.06 12.50 14.49
N THR B 105 20.63 11.39 14.01
CA THR B 105 20.58 10.98 12.61
C THR B 105 19.34 10.12 12.28
N ILE B 106 18.56 10.56 11.29
CA ILE B 106 17.51 9.70 10.73
C ILE B 106 18.01 9.00 9.44
N LEU B 107 17.97 7.67 9.43
CA LEU B 107 18.33 6.91 8.26
C LEU B 107 17.12 6.53 7.40
N SER B 108 15.92 6.59 7.98
CA SER B 108 14.68 6.29 7.26
C SER B 108 13.41 6.71 7.99
N TRP B 109 12.43 7.19 7.23
CA TRP B 109 11.14 7.64 7.77
C TRP B 109 9.93 7.17 6.92
N SER B 110 8.91 6.66 7.58
CA SER B 110 7.68 6.23 6.93
C SER B 110 6.46 6.77 7.64
N PHE B 111 5.40 7.03 6.88
CA PHE B 111 4.15 7.48 7.47
C PHE B 111 2.96 6.98 6.68
N THR B 112 1.88 6.69 7.39
CA THR B 112 0.62 6.26 6.81
C THR B 112 -0.49 6.96 7.54
N SER B 113 -1.42 7.52 6.79
CA SER B 113 -2.62 8.09 7.37
C SER B 113 -3.83 7.70 6.56
N LYS B 114 -4.89 7.24 7.23
CA LYS B 114 -6.14 6.91 6.56
C LYS B 114 -7.30 7.63 7.24
N LEU B 115 -8.05 8.39 6.47
CA LEU B 115 -9.32 8.94 6.89
C LEU B 115 -10.36 8.03 6.23
N LYS B 116 -11.11 7.29 7.06
CA LYS B 116 -11.98 6.25 6.55
C LYS B 116 -13.44 6.68 6.49
N THR B 117 -14.22 5.89 5.75
CA THR B 117 -15.64 6.12 5.57
C THR B 117 -16.43 4.82 5.37
N ASN B 118 -17.66 4.95 4.87
CA ASN B 118 -18.57 3.82 4.64
C ASN B 118 -18.22 2.96 3.42
N SER B 119 -16.99 2.43 3.43
CA SER B 119 -16.46 1.47 2.44
C SER B 119 -14.95 1.24 2.53
N THR B 120 -14.48 0.26 1.76
CA THR B 120 -13.07 -0.09 1.60
C THR B 120 -12.27 1.03 0.90
N ALA B 121 -12.99 1.85 0.13
CA ALA B 121 -12.45 3.08 -0.43
C ALA B 121 -12.18 4.08 0.70
N ASP B 122 -10.90 4.42 0.87
CA ASP B 122 -10.53 5.46 1.84
C ASP B 122 -11.04 6.83 1.41
N ALA B 123 -11.70 7.55 2.31
CA ALA B 123 -12.11 8.91 2.02
C ALA B 123 -10.85 9.66 1.59
N GLN B 124 -9.83 9.59 2.44
CA GLN B 124 -8.55 10.23 2.18
C GLN B 124 -7.43 9.43 2.79
N SER B 125 -6.37 9.20 2.04
CA SER B 125 -5.20 8.55 2.62
C SER B 125 -3.91 9.20 2.14
N LEU B 126 -2.85 9.00 2.92
CA LEU B 126 -1.54 9.46 2.55
C LEU B 126 -0.51 8.53 3.11
N HIS B 127 0.41 8.14 2.25
CA HIS B 127 1.50 7.33 2.69
C HIS B 127 2.80 7.77 2.02
N PHE B 128 3.79 8.20 2.81
CA PHE B 128 5.13 8.44 2.28
C PHE B 128 6.18 7.58 2.98
N THR B 129 7.21 7.17 2.24
CA THR B 129 8.35 6.53 2.88
C THR B 129 9.68 7.01 2.32
N PHE B 130 10.64 7.19 3.21
CA PHE B 130 11.97 7.59 2.83
C PHE B 130 12.93 6.57 3.35
N ASN B 131 13.64 5.92 2.43
CA ASN B 131 14.66 5.02 2.86
C ASN B 131 16.07 5.48 2.60
N GLN B 132 16.21 6.49 1.77
CA GLN B 132 17.33 7.40 1.91
C GLN B 132 16.80 8.78 1.59
N PHE B 133 17.60 9.79 1.87
CA PHE B 133 17.16 11.17 1.73
C PHE B 133 17.85 11.91 0.59
N SER B 134 17.04 12.63 -0.18
CA SER B 134 17.57 13.52 -1.20
C SER B 134 18.45 14.61 -0.57
N GLN B 135 19.49 15.04 -1.31
CA GLN B 135 20.36 16.13 -0.84
C GLN B 135 19.62 17.45 -0.80
N ASN B 136 18.53 17.51 -1.55
CA ASN B 136 17.64 18.66 -1.46
C ASN B 136 16.17 18.24 -1.35
N PRO B 137 15.73 17.93 -0.12
CA PRO B 137 14.37 17.47 0.13
C PRO B 137 13.34 18.55 -0.15
N LYS B 138 12.83 18.60 -1.37
CA LYS B 138 11.83 19.59 -1.71
C LYS B 138 10.45 19.23 -1.13
N ASP B 139 10.31 17.97 -0.70
CA ASP B 139 9.10 17.52 0.00
C ASP B 139 9.20 17.59 1.52
N LEU B 140 10.36 17.99 2.04
CA LEU B 140 10.53 18.23 3.47
C LEU B 140 10.66 19.70 3.78
N ILE B 141 10.08 20.14 4.87
CA ILE B 141 10.27 21.49 5.37
C ILE B 141 11.31 21.39 6.48
N LEU B 142 12.52 21.85 6.18
CA LEU B 142 13.63 21.78 7.15
C LEU B 142 13.63 23.03 8.02
N GLN B 143 13.63 22.83 9.34
CA GLN B 143 13.63 23.91 10.30
C GLN B 143 14.85 23.75 11.21
N GLY B 144 15.43 24.88 11.62
CA GLY B 144 16.64 24.90 12.44
C GLY B 144 17.82 24.33 11.69
N ASP B 145 18.63 23.56 12.37
CA ASP B 145 19.88 23.03 11.81
C ASP B 145 19.68 21.73 11.01
N ALA B 146 18.42 21.34 10.85
CA ALA B 146 18.06 20.12 10.11
C ALA B 146 18.54 20.19 8.68
N SER B 147 19.12 19.08 8.22
CA SER B 147 19.84 19.03 6.95
C SER B 147 20.11 17.59 6.48
N THR B 148 20.44 17.41 5.21
CA THR B 148 20.75 16.06 4.74
C THR B 148 22.15 15.93 4.18
N ASP B 149 22.92 14.99 4.73
CA ASP B 149 24.35 14.86 4.45
C ASP B 149 24.68 14.11 3.17
N SER B 150 25.98 13.86 2.98
CA SER B 150 26.49 13.22 1.77
C SER B 150 26.29 11.69 1.77
N ASP B 151 25.40 11.21 2.64
CA ASP B 151 25.09 9.79 2.65
C ASP B 151 23.61 9.54 2.37
N GLY B 152 22.83 10.60 2.40
CA GLY B 152 21.38 10.52 2.30
C GLY B 152 20.76 10.18 3.63
N ASN B 153 21.36 10.71 4.69
CA ASN B 153 20.79 10.63 6.01
C ASN B 153 20.34 12.02 6.43
N LEU B 154 19.26 12.08 7.22
CA LEU B 154 18.78 13.34 7.77
C LEU B 154 19.41 13.66 9.12
N GLN B 155 20.29 14.67 9.13
CA GLN B 155 20.93 15.13 10.36
C GLN B 155 20.13 16.31 10.91
N LEU B 156 19.32 16.05 11.93
CA LEU B 156 18.44 17.08 12.49
C LEU B 156 19.19 18.13 13.31
N THR B 157 20.10 17.67 14.17
CA THR B 157 21.04 18.55 14.85
C THR B 157 22.36 18.51 14.08
N ARG B 158 23.26 19.44 14.35
CA ARG B 158 24.43 19.61 13.48
C ARG B 158 25.41 18.45 13.53
N VAL B 159 26.36 18.46 12.60
CA VAL B 159 27.48 17.50 12.59
C VAL B 159 28.63 18.16 11.83
N SER B 160 29.77 18.31 12.50
CA SER B 160 30.99 18.81 11.86
C SER B 160 32.03 17.70 11.83
N ASN B 161 32.55 17.42 10.63
CA ASN B 161 33.50 16.29 10.37
C ASN B 161 33.47 15.15 11.40
N GLY B 162 32.39 14.38 11.34
CA GLY B 162 32.08 13.41 12.39
C GLY B 162 31.32 14.03 13.56
N SER B 163 32.07 14.52 14.55
CA SER B 163 31.55 14.94 15.86
C SER B 163 30.36 15.91 15.81
N PRO B 164 29.30 15.59 16.59
CA PRO B 164 28.11 16.41 16.88
C PRO B 164 28.39 17.78 17.48
N GLN B 165 27.36 18.62 17.55
CA GLN B 165 27.47 20.00 18.06
C GLN B 165 26.50 20.28 19.19
N SER B 166 26.91 21.16 20.08
CA SER B 166 26.10 21.56 21.24
C SER B 166 25.03 22.56 20.85
N ASN B 167 24.17 22.92 21.82
CA ASN B 167 23.01 23.81 21.62
C ASN B 167 22.37 23.86 20.21
N SER B 168 22.07 22.69 19.66
CA SER B 168 21.53 22.58 18.30
C SER B 168 20.08 22.12 18.33
N VAL B 169 19.27 22.62 17.40
CA VAL B 169 17.88 22.23 17.27
C VAL B 169 17.54 22.00 15.80
N GLY B 170 16.82 20.92 15.54
CA GLY B 170 16.48 20.54 14.17
C GLY B 170 15.11 19.91 14.05
N ARG B 171 14.37 20.29 13.00
CA ARG B 171 13.06 19.72 12.71
C ARG B 171 12.92 19.53 11.22
N ALA B 172 12.19 18.50 10.80
CA ALA B 172 11.81 18.34 9.38
C ALA B 172 10.34 17.91 9.28
N LEU B 173 9.51 18.79 8.74
CA LEU B 173 8.10 18.45 8.54
C LEU B 173 7.87 17.96 7.11
N TYR B 174 6.95 17.02 6.94
CA TYR B 174 6.56 16.64 5.58
C TYR B 174 5.67 17.72 4.95
N TYR B 175 5.98 18.02 3.68
CA TYR B 175 5.40 19.15 2.97
C TYR B 175 3.87 19.21 2.91
N ALA B 176 3.23 18.08 2.66
CA ALA B 176 1.77 18.04 2.56
C ALA B 176 1.12 18.08 3.93
N PRO B 177 0.17 19.00 4.13
CA PRO B 177 -0.78 18.90 5.22
C PRO B 177 -1.47 17.54 5.17
N VAL B 178 -1.74 16.98 6.36
CA VAL B 178 -2.30 15.65 6.52
C VAL B 178 -3.69 15.80 7.09
N HIS B 179 -4.70 15.20 6.46
CA HIS B 179 -6.08 15.38 6.93
C HIS B 179 -6.40 14.38 8.04
N VAL B 180 -6.35 14.85 9.28
CA VAL B 180 -6.42 13.92 10.42
C VAL B 180 -7.84 13.59 10.90
N TRP B 181 -8.83 14.41 10.54
CA TRP B 181 -10.25 14.07 10.76
C TRP B 181 -11.20 14.98 9.99
N ASP B 182 -12.24 14.40 9.39
CA ASP B 182 -13.33 15.17 8.78
C ASP B 182 -14.58 14.92 9.61
N LYS B 183 -15.73 15.39 9.12
CA LYS B 183 -17.01 15.10 9.73
C LYS B 183 -17.46 13.68 9.33
N SER B 184 -17.52 13.42 8.02
CA SER B 184 -17.85 12.10 7.44
C SER B 184 -16.93 10.96 7.95
N ALA B 185 -16.05 11.33 8.88
CA ALA B 185 -15.05 10.43 9.43
C ALA B 185 -15.65 9.35 10.31
N VAL B 186 -15.51 8.10 9.85
CA VAL B 186 -15.94 6.96 10.65
C VAL B 186 -14.76 6.43 11.46
N VAL B 187 -13.59 6.44 10.83
CA VAL B 187 -12.35 5.98 11.46
C VAL B 187 -11.24 6.89 10.98
N ALA B 188 -10.33 7.24 11.87
CA ALA B 188 -9.08 7.87 11.47
C ALA B 188 -7.98 7.08 12.11
N SER B 189 -6.96 6.77 11.34
CA SER B 189 -5.79 6.11 11.88
C SER B 189 -4.49 6.70 11.32
N PHE B 190 -3.38 6.42 12.00
CA PHE B 190 -2.08 6.68 11.43
C PHE B 190 -1.05 5.76 12.05
N ASP B 191 0.05 5.56 11.31
CA ASP B 191 1.18 4.77 11.77
C ASP B 191 2.47 5.40 11.27
N ALA B 192 3.50 5.39 12.13
CA ALA B 192 4.78 6.01 11.78
C ALA B 192 5.96 5.15 12.18
N THR B 193 6.94 5.03 11.28
CA THR B 193 8.19 4.31 11.52
C THR B 193 9.42 5.13 11.14
N PHE B 194 10.45 5.06 11.97
CA PHE B 194 11.73 5.67 11.63
C PHE B 194 12.92 4.92 12.24
N THR B 195 14.02 4.83 11.48
CA THR B 195 15.27 4.28 11.99
C THR B 195 16.21 5.42 12.34
N PHE B 196 16.84 5.33 13.52
CA PHE B 196 17.71 6.41 13.95
C PHE B 196 19.11 5.92 14.35
N LEU B 197 20.01 6.87 14.64
CA LEU B 197 21.39 6.59 15.05
C LEU B 197 21.91 7.68 15.97
N ILE B 198 21.97 7.37 17.25
CA ILE B 198 22.42 8.33 18.25
C ILE B 198 23.82 7.98 18.74
N LYS B 199 24.75 8.93 18.52
CA LYS B 199 26.20 8.69 18.62
C LYS B 199 26.93 9.88 19.27
N SER B 200 27.85 9.56 20.19
CA SER B 200 28.72 10.57 20.84
C SER B 200 30.06 9.98 21.28
N THR B 201 31.03 10.88 21.50
CA THR B 201 32.33 10.55 22.10
C THR B 201 32.13 10.39 23.60
N ASP B 202 31.36 11.31 24.18
CA ASP B 202 31.09 11.35 25.62
C ASP B 202 29.93 10.42 25.92
N SER B 203 30.05 9.71 27.04
CA SER B 203 29.04 8.78 27.51
C SER B 203 27.76 9.52 27.91
N ASP B 204 27.90 10.64 28.62
CA ASP B 204 26.75 11.46 28.96
C ASP B 204 26.32 12.25 27.72
N ILE B 205 25.06 12.11 27.34
CA ILE B 205 24.53 12.76 26.13
C ILE B 205 23.18 13.43 26.37
N ALA B 206 22.81 14.30 25.43
CA ALA B 206 21.53 15.02 25.45
C ALA B 206 21.23 15.41 23.99
N ASP B 207 19.98 15.73 23.62
CA ASP B 207 18.79 15.71 24.48
C ASP B 207 17.76 14.68 24.02
N GLY B 208 17.75 14.36 22.73
CA GLY B 208 16.82 13.36 22.16
C GLY B 208 16.24 13.58 20.77
N ILE B 209 15.35 12.68 20.34
CA ILE B 209 14.60 12.75 19.07
C ILE B 209 13.09 12.61 19.31
N ALA B 210 12.27 13.22 18.46
CA ALA B 210 10.83 13.04 18.58
C ALA B 210 10.06 13.04 17.25
N PHE B 211 8.98 12.27 17.22
CA PHE B 211 7.97 12.38 16.16
C PHE B 211 6.86 13.27 16.71
N PHE B 212 6.39 14.20 15.90
CA PHE B 212 5.33 15.08 16.37
C PHE B 212 4.27 15.34 15.30
N ILE B 213 3.07 15.64 15.78
CA ILE B 213 1.95 16.05 14.96
C ILE B 213 1.58 17.43 15.47
N ALA B 214 1.46 18.39 14.55
CA ALA B 214 1.23 19.81 14.93
C ALA B 214 0.33 20.52 13.92
N ASN B 215 -0.10 21.74 14.25
CA ASN B 215 -0.79 22.56 13.28
C ASN B 215 0.11 22.67 12.06
N THR B 216 -0.50 22.83 10.90
CA THR B 216 0.27 22.82 9.66
C THR B 216 1.33 23.92 9.62
N ASP B 217 1.01 25.09 10.17
CA ASP B 217 1.88 26.27 10.09
C ASP B 217 2.99 26.32 11.13
N SER B 218 3.03 25.33 12.02
CA SER B 218 3.99 25.25 13.14
C SER B 218 5.48 25.37 12.77
N SER B 219 6.20 26.14 13.58
CA SER B 219 7.65 26.23 13.48
C SER B 219 8.24 26.04 14.88
N ILE B 220 9.56 26.10 14.95
CA ILE B 220 10.27 25.93 16.21
C ILE B 220 9.93 27.11 17.13
N PRO B 221 9.32 26.82 18.30
CA PRO B 221 8.96 27.92 19.19
C PRO B 221 10.22 28.51 19.88
N HIS B 222 10.15 29.78 20.31
CA HIS B 222 11.30 30.45 20.92
C HIS B 222 11.77 29.72 22.19
N GLY B 223 13.09 29.54 22.33
CA GLY B 223 13.67 28.94 23.55
C GLY B 223 13.24 27.51 23.86
N SER B 224 13.09 26.71 22.81
CA SER B 224 12.72 25.32 22.97
C SER B 224 13.94 24.44 22.70
N GLY B 225 15.13 25.01 22.77
CA GLY B 225 16.37 24.26 22.61
C GLY B 225 16.62 23.26 23.71
N GLY B 226 17.55 22.33 23.47
CA GLY B 226 17.94 21.32 24.47
C GLY B 226 16.79 20.50 25.00
N ARG B 227 16.53 20.62 26.30
CA ARG B 227 15.56 19.80 27.01
C ARG B 227 14.09 19.95 26.57
N LEU B 228 13.81 20.93 25.74
CA LEU B 228 12.46 21.08 25.23
C LEU B 228 12.25 20.40 23.88
N LEU B 229 13.36 19.89 23.31
CA LEU B 229 13.33 19.11 22.06
C LEU B 229 12.73 19.82 20.83
N GLY B 230 12.64 21.14 20.88
CA GLY B 230 12.13 21.92 19.76
C GLY B 230 10.64 21.82 19.59
N LEU B 231 9.94 21.43 20.65
CA LEU B 231 8.49 21.22 20.58
C LEU B 231 7.67 22.26 21.34
N PHE B 232 8.23 22.76 22.45
CA PHE B 232 7.48 23.62 23.38
C PHE B 232 8.23 24.91 23.72
N PRO B 233 7.49 26.04 23.86
CA PRO B 233 8.02 27.31 24.36
C PRO B 233 8.62 27.21 25.78
N ASP B 234 7.75 26.90 26.75
CA ASP B 234 8.08 26.72 28.17
C ASP B 234 8.20 25.23 28.55
N ALA B 235 8.30 24.96 29.85
CA ALA B 235 8.23 23.60 30.38
C ALA B 235 6.96 23.36 31.22
N ASN B 236 5.90 24.11 30.91
CA ASN B 236 4.61 23.99 31.59
C ASN B 236 3.91 22.68 31.22
N ALA C 1 -5.47 -25.86 22.88
CA ALA C 1 -6.00 -24.76 22.02
C ALA C 1 -7.46 -24.97 21.47
N ASP C 2 -7.66 -24.50 20.15
CA ASP C 2 -8.71 -24.41 18.98
C ASP C 2 -9.85 -23.45 19.09
N THR C 3 -9.01 -22.51 18.82
CA THR C 3 -8.91 -21.11 18.72
C THR C 3 -9.79 -20.39 17.72
N ILE C 4 -10.36 -19.30 18.25
CA ILE C 4 -11.06 -18.38 17.43
C ILE C 4 -11.13 -17.05 18.18
N VAL C 5 -10.80 -15.99 17.44
CA VAL C 5 -11.03 -14.62 17.82
C VAL C 5 -11.89 -14.08 16.71
N ALA C 6 -13.03 -13.49 17.04
CA ALA C 6 -13.95 -13.02 16.02
C ALA C 6 -14.55 -11.68 16.41
N VAL C 7 -15.12 -10.98 15.44
CA VAL C 7 -15.87 -9.79 15.73
C VAL C 7 -17.23 -10.10 15.19
N GLU C 8 -18.24 -10.06 16.05
CA GLU C 8 -19.55 -10.54 15.64
C GLU C 8 -20.50 -9.37 15.47
N LEU C 9 -21.22 -9.39 14.35
CA LEU C 9 -22.31 -8.48 14.14
C LEU C 9 -23.59 -9.26 14.42
N ASP C 10 -24.03 -9.26 15.67
CA ASP C 10 -25.08 -10.15 16.19
C ASP C 10 -26.49 -9.57 16.02
N THR C 11 -27.32 -10.27 15.23
CA THR C 11 -28.63 -9.73 14.81
C THR C 11 -29.83 -10.35 15.52
N TYR C 12 -29.59 -11.31 16.42
CA TYR C 12 -30.64 -11.90 17.26
C TYR C 12 -30.10 -12.13 18.67
N PRO C 13 -30.81 -11.60 19.68
CA PRO C 13 -30.34 -11.62 21.07
C PRO C 13 -30.83 -12.87 21.82
N ASN C 14 -29.93 -13.84 21.98
CA ASN C 14 -30.21 -15.02 22.78
C ASN C 14 -29.73 -14.80 24.22
N THR C 15 -30.59 -14.16 25.03
CA THR C 15 -30.28 -13.79 26.40
C THR C 15 -29.93 -15.00 27.26
N ASP C 16 -30.35 -16.17 26.81
CA ASP C 16 -30.03 -17.42 27.48
C ASP C 16 -28.54 -17.81 27.35
N ILE C 17 -27.90 -17.40 26.24
CA ILE C 17 -26.45 -17.60 26.06
C ILE C 17 -25.63 -16.30 26.21
N GLY C 18 -26.12 -15.41 27.07
CA GLY C 18 -25.38 -14.19 27.44
C GLY C 18 -25.32 -13.06 26.43
N ASP C 19 -26.18 -13.10 25.41
CA ASP C 19 -26.37 -11.94 24.55
C ASP C 19 -27.12 -10.88 25.35
N PRO C 20 -26.80 -9.59 25.15
CA PRO C 20 -27.63 -8.54 25.74
C PRO C 20 -28.98 -8.50 25.02
N ASN C 21 -30.01 -7.99 25.71
CA ASN C 21 -31.38 -8.12 25.22
C ASN C 21 -31.76 -7.14 24.09
N TYR C 22 -30.87 -7.08 23.09
CA TYR C 22 -31.01 -6.15 21.99
C TYR C 22 -29.99 -6.54 20.94
N GLN C 23 -30.25 -6.17 19.69
CA GLN C 23 -29.26 -6.41 18.63
C GLN C 23 -27.96 -5.72 19.04
N HIS C 24 -26.82 -6.35 18.74
CA HIS C 24 -25.53 -5.85 19.23
C HIS C 24 -24.34 -6.20 18.35
N ILE C 25 -23.20 -5.60 18.69
CA ILE C 25 -21.92 -5.88 18.07
C ILE C 25 -20.92 -6.32 19.17
N GLY C 26 -20.24 -7.44 18.95
CA GLY C 26 -19.40 -7.99 20.01
C GLY C 26 -18.05 -8.54 19.62
N ILE C 27 -17.18 -8.68 20.62
CA ILE C 27 -15.87 -9.28 20.45
C ILE C 27 -15.81 -10.62 21.16
N ASN C 28 -15.49 -11.64 20.38
CA ASN C 28 -15.41 -13.01 20.87
C ASN C 28 -13.99 -13.52 20.97
N ILE C 29 -13.64 -14.04 22.14
CA ILE C 29 -12.35 -14.66 22.32
C ILE C 29 -12.48 -16.09 22.88
N LYS C 30 -12.43 -17.05 21.96
CA LYS C 30 -12.55 -18.49 22.28
C LYS C 30 -13.94 -18.95 22.79
N SER C 31 -14.90 -18.03 22.81
CA SER C 31 -16.26 -18.30 23.23
C SER C 31 -17.26 -17.45 22.49
N ILE C 32 -18.47 -18.00 22.34
CA ILE C 32 -19.58 -17.24 21.79
C ILE C 32 -20.07 -16.18 22.79
N ARG C 33 -19.83 -16.37 24.08
CA ARG C 33 -20.18 -15.34 25.06
C ARG C 33 -19.20 -14.19 24.95
N SER C 34 -19.62 -13.16 24.22
CA SER C 34 -18.74 -12.05 23.84
C SER C 34 -18.06 -11.45 25.04
N LYS C 35 -16.74 -11.30 24.95
CA LYS C 35 -15.96 -10.69 26.02
C LYS C 35 -16.30 -9.18 26.20
N ALA C 36 -16.82 -8.56 25.16
CA ALA C 36 -17.28 -7.17 25.24
C ALA C 36 -18.35 -6.95 24.18
N THR C 37 -19.37 -6.14 24.50
CA THR C 37 -20.44 -5.83 23.54
C THR C 37 -20.85 -4.37 23.57
N THR C 38 -21.35 -3.89 22.42
CA THR C 38 -22.00 -2.59 22.33
C THR C 38 -23.29 -2.68 21.52
N ARG C 39 -24.20 -1.77 21.83
CA ARG C 39 -25.49 -1.72 21.19
C ARG C 39 -25.36 -1.41 19.69
N TRP C 40 -25.93 -2.28 18.86
CA TRP C 40 -25.97 -2.09 17.42
C TRP C 40 -27.39 -2.06 16.91
N ASN C 41 -27.60 -1.40 15.77
CA ASN C 41 -28.93 -1.35 15.16
C ASN C 41 -28.91 -1.73 13.69
N VAL C 42 -29.35 -2.96 13.40
CA VAL C 42 -29.45 -3.40 12.03
C VAL C 42 -30.34 -2.43 11.31
N GLN C 43 -30.18 -2.33 10.00
CA GLN C 43 -30.94 -1.39 9.21
C GLN C 43 -31.32 -2.13 7.94
N ASP C 44 -32.22 -3.11 8.07
CA ASP C 44 -32.57 -4.02 6.97
C ASP C 44 -32.58 -3.35 5.60
N GLY C 45 -31.83 -3.93 4.66
CA GLY C 45 -31.77 -3.43 3.28
C GLY C 45 -30.56 -2.56 2.93
N LYS C 46 -29.85 -2.05 3.93
CA LYS C 46 -28.76 -1.09 3.70
C LYS C 46 -27.37 -1.72 3.68
N VAL C 47 -26.49 -1.15 2.85
CA VAL C 47 -25.09 -1.55 2.83
C VAL C 47 -24.36 -0.98 4.05
N GLY C 48 -23.81 -1.88 4.87
CA GLY C 48 -23.05 -1.48 6.05
C GLY C 48 -21.56 -1.62 5.81
N THR C 49 -20.78 -1.09 6.74
CA THR C 49 -19.33 -1.23 6.69
C THR C 49 -18.81 -1.62 8.06
N ALA C 50 -17.78 -2.46 8.08
CA ALA C 50 -17.12 -2.84 9.30
C ALA C 50 -15.62 -2.65 9.12
N HIS C 51 -15.04 -1.95 10.09
CA HIS C 51 -13.62 -1.73 10.17
C HIS C 51 -13.10 -2.39 11.46
N ILE C 52 -12.14 -3.30 11.33
CA ILE C 52 -11.54 -3.93 12.53
C ILE C 52 -10.03 -3.70 12.62
N SER C 53 -9.56 -3.42 13.83
CA SER C 53 -8.15 -3.10 14.09
C SER C 53 -7.55 -3.77 15.32
N TYR C 54 -6.32 -4.24 15.17
CA TYR C 54 -5.53 -4.66 16.31
C TYR C 54 -4.05 -4.34 16.07
N ASN C 55 -3.37 -4.01 17.16
CA ASN C 55 -1.96 -3.70 17.15
C ASN C 55 -1.29 -4.35 18.36
N SER C 56 -0.25 -5.13 18.10
CA SER C 56 0.41 -5.93 19.15
C SER C 56 0.96 -5.11 20.32
N VAL C 57 1.34 -3.85 20.06
CA VAL C 57 1.89 -2.96 21.07
C VAL C 57 0.79 -2.37 21.96
N ALA C 58 -0.24 -1.80 21.35
CA ALA C 58 -1.34 -1.23 22.10
C ALA C 58 -2.19 -2.34 22.69
N LYS C 59 -2.19 -3.50 22.04
CA LYS C 59 -2.97 -4.65 22.53
C LYS C 59 -4.47 -4.40 22.64
N ARG C 60 -4.99 -3.37 21.96
CA ARG C 60 -6.44 -3.17 21.92
C ARG C 60 -7.03 -3.66 20.62
N LEU C 61 -8.00 -4.56 20.73
CA LEU C 61 -8.75 -5.04 19.58
C LEU C 61 -10.07 -4.29 19.49
N SER C 62 -10.24 -3.51 18.43
CA SER C 62 -11.39 -2.62 18.31
C SER C 62 -12.07 -2.80 16.98
N ALA C 63 -13.37 -2.67 16.98
CA ALA C 63 -14.13 -2.70 15.74
C ALA C 63 -15.19 -1.61 15.73
N ILE C 64 -15.59 -1.24 14.52
CA ILE C 64 -16.62 -0.23 14.31
C ILE C 64 -17.45 -0.59 13.09
N VAL C 65 -18.76 -0.56 13.23
CA VAL C 65 -19.63 -0.89 12.12
C VAL C 65 -20.60 0.25 11.89
N SER C 66 -20.71 0.65 10.62
CA SER C 66 -21.35 1.89 10.28
C SER C 66 -22.32 1.74 9.13
N TYR C 67 -23.46 2.39 9.28
CA TYR C 67 -24.36 2.56 8.17
C TYR C 67 -24.27 4.03 7.78
N PRO C 68 -24.39 4.36 6.47
CA PRO C 68 -24.32 5.77 6.05
C PRO C 68 -25.45 6.58 6.67
N GLY C 69 -25.11 7.78 7.14
CA GLY C 69 -26.07 8.61 7.87
C GLY C 69 -25.56 8.95 9.27
N GLY C 70 -24.41 8.37 9.63
CA GLY C 70 -23.71 8.71 10.89
C GLY C 70 -23.91 7.70 12.00
N SER C 71 -24.94 6.87 11.81
CA SER C 71 -25.32 5.86 12.80
C SER C 71 -24.32 4.70 12.79
N SER C 72 -23.50 4.63 13.82
CA SER C 72 -22.45 3.61 13.87
C SER C 72 -22.17 3.21 15.31
N ALA C 73 -21.63 2.02 15.48
CA ALA C 73 -21.30 1.52 16.80
C ALA C 73 -19.82 1.13 16.89
N THR C 74 -19.21 1.34 18.06
CA THR C 74 -17.85 0.88 18.29
C THR C 74 -17.75 -0.02 19.52
N VAL C 75 -16.82 -0.96 19.47
CA VAL C 75 -16.51 -1.82 20.60
C VAL C 75 -15.03 -2.16 20.55
N SER C 76 -14.44 -2.30 21.72
CA SER C 76 -13.05 -2.67 21.83
C SER C 76 -12.77 -3.39 23.13
N TYR C 77 -11.95 -4.41 22.99
CA TYR C 77 -11.52 -5.20 24.09
C TYR C 77 -10.07 -5.11 24.01
N ASP C 78 -9.42 -5.92 25.00
CA ASP C 78 -8.23 -5.31 25.38
C ASP C 78 -7.56 -6.56 25.91
N VAL C 79 -6.62 -7.07 25.11
CA VAL C 79 -6.21 -8.48 25.17
C VAL C 79 -4.92 -8.63 24.36
N ASP C 80 -4.01 -9.48 24.83
CA ASP C 80 -2.77 -9.74 24.12
C ASP C 80 -2.92 -10.99 23.25
N LEU C 81 -3.20 -10.76 21.97
CA LEU C 81 -3.51 -11.82 21.02
C LEU C 81 -2.32 -12.72 20.66
N ASN C 82 -1.10 -12.27 20.96
CA ASN C 82 0.09 -13.13 20.89
C ASN C 82 -0.07 -14.41 21.65
N ASN C 83 -0.74 -14.33 22.79
CA ASN C 83 -0.87 -15.49 23.67
C ASN C 83 -2.06 -16.34 23.31
N ILE C 84 -3.09 -15.73 22.72
CA ILE C 84 -4.31 -16.43 22.32
C ILE C 84 -4.11 -17.16 21.00
N LEU C 85 -3.64 -16.45 19.98
CA LEU C 85 -3.53 -17.00 18.63
C LEU C 85 -2.28 -17.86 18.41
N PRO C 86 -2.38 -18.86 17.52
CA PRO C 86 -1.18 -19.49 16.97
C PRO C 86 -0.37 -18.51 16.09
N GLU C 87 0.84 -18.90 15.72
CA GLU C 87 1.73 -18.07 14.91
C GLU C 87 1.19 -17.91 13.49
N TRP C 88 0.62 -18.99 12.97
CA TRP C 88 -0.01 -19.00 11.67
C TRP C 88 -1.49 -19.17 11.88
N VAL C 89 -2.27 -18.47 11.05
CA VAL C 89 -3.72 -18.50 11.13
C VAL C 89 -4.27 -18.45 9.71
N ARG C 90 -5.59 -18.60 9.59
CA ARG C 90 -6.31 -18.17 8.39
C ARG C 90 -7.38 -17.14 8.80
N VAL C 91 -7.57 -16.10 8.01
CA VAL C 91 -8.65 -15.16 8.33
C VAL C 91 -9.86 -15.41 7.45
N GLY C 92 -11.04 -15.08 7.99
CA GLY C 92 -12.25 -15.25 7.24
C GLY C 92 -13.47 -14.51 7.73
N LEU C 93 -14.56 -14.72 6.99
CA LEU C 93 -15.87 -14.22 7.35
C LEU C 93 -16.82 -15.40 7.29
N SER C 94 -17.70 -15.47 8.28
CA SER C 94 -18.77 -16.48 8.35
C SER C 94 -20.11 -15.92 8.84
N ALA C 95 -21.20 -16.62 8.52
CA ALA C 95 -22.55 -16.20 8.84
C ALA C 95 -23.53 -17.39 8.87
N SER C 96 -24.67 -17.20 9.54
CA SER C 96 -25.67 -18.24 9.71
C SER C 96 -27.07 -17.65 9.70
N THR C 97 -28.07 -18.45 9.31
CA THR C 97 -29.48 -18.08 9.60
C THR C 97 -30.03 -19.15 10.53
N GLY C 98 -31.14 -18.83 11.18
CA GLY C 98 -31.82 -19.78 12.08
C GLY C 98 -33.17 -20.16 11.52
N LEU C 99 -34.16 -20.26 12.40
CA LEU C 99 -35.55 -20.33 11.94
C LEU C 99 -35.84 -18.99 11.29
N TYR C 100 -35.38 -17.93 11.95
CA TYR C 100 -35.42 -16.60 11.36
C TYR C 100 -34.21 -16.44 10.47
N LYS C 101 -34.41 -15.69 9.39
CA LYS C 101 -33.42 -15.63 8.31
C LYS C 101 -33.18 -14.18 7.84
N GLU C 102 -32.09 -14.02 7.08
CA GLU C 102 -31.66 -12.73 6.51
C GLU C 102 -30.64 -13.01 5.40
N THR C 103 -30.39 -12.03 4.52
CA THR C 103 -29.27 -12.14 3.60
C THR C 103 -28.01 -11.79 4.39
N ASN C 104 -26.98 -12.61 4.26
CA ASN C 104 -25.67 -12.24 4.79
C ASN C 104 -24.70 -12.07 3.63
N THR C 105 -24.93 -11.01 2.87
CA THR C 105 -24.17 -10.69 1.68
C THR C 105 -22.94 -9.82 2.01
N ILE C 106 -21.77 -10.26 1.56
CA ILE C 106 -20.58 -9.43 1.58
C ILE C 106 -20.36 -8.87 0.17
N LEU C 107 -20.25 -7.56 0.08
CA LEU C 107 -20.03 -6.90 -1.19
C LEU C 107 -18.55 -6.61 -1.43
N SER C 108 -17.75 -6.66 -0.36
CA SER C 108 -16.35 -6.25 -0.41
C SER C 108 -15.63 -6.60 0.87
N TRP C 109 -14.33 -6.88 0.75
CA TRP C 109 -13.52 -7.27 1.91
C TRP C 109 -12.03 -6.96 1.72
N SER C 110 -11.45 -6.23 2.67
CA SER C 110 -9.99 -6.00 2.69
C SER C 110 -9.34 -6.39 4.00
N PHE C 111 -8.06 -6.73 3.93
CA PHE C 111 -7.29 -7.21 5.08
C PHE C 111 -5.80 -6.93 4.90
N THR C 112 -5.18 -6.43 5.95
CA THR C 112 -3.76 -6.13 5.96
C THR C 112 -3.11 -6.86 7.12
N SER C 113 -1.95 -7.43 6.89
CA SER C 113 -1.19 -7.99 7.99
C SER C 113 0.27 -7.58 7.86
N LYS C 114 0.83 -7.07 8.95
CA LYS C 114 2.24 -6.70 8.99
C LYS C 114 2.97 -7.43 10.10
N LEU C 115 4.09 -8.05 9.72
CA LEU C 115 5.04 -8.60 10.69
C LEU C 115 6.34 -7.85 10.47
N LYS C 116 6.44 -6.69 11.09
CA LYS C 116 7.66 -5.91 10.95
C LYS C 116 8.53 -6.31 12.12
N THR C 117 9.72 -5.76 12.19
CA THR C 117 10.50 -6.12 13.33
C THR C 117 11.42 -4.95 13.64
N ASN C 118 12.49 -4.94 12.87
CA ASN C 118 13.65 -4.20 13.19
C ASN C 118 14.32 -3.95 11.89
N SER C 119 15.15 -2.90 11.89
CA SER C 119 15.79 -2.46 10.67
C SER C 119 14.59 -2.09 9.76
N THR C 120 13.44 -1.91 10.41
CA THR C 120 12.27 -1.34 9.76
C THR C 120 11.78 -2.14 8.53
N ALA C 121 11.08 -1.40 7.60
CA ALA C 121 10.44 -2.01 6.41
C ALA C 121 9.66 -3.29 6.85
N ASP C 122 9.57 -4.31 5.99
CA ASP C 122 8.69 -5.36 6.44
C ASP C 122 9.19 -6.76 6.30
N ALA C 123 9.36 -7.42 7.46
CA ALA C 123 9.87 -8.79 7.48
C ALA C 123 8.88 -9.69 6.77
N GLN C 124 7.60 -9.44 7.03
CA GLN C 124 6.53 -10.13 6.32
C GLN C 124 5.28 -9.25 6.31
N SER C 125 4.55 -9.27 5.21
CA SER C 125 3.29 -8.57 5.15
C SER C 125 2.29 -9.17 4.17
N LEU C 126 1.02 -8.94 4.42
CA LEU C 126 -0.02 -9.37 3.51
C LEU C 126 -1.09 -8.32 3.36
N HIS C 127 -1.56 -8.17 2.14
CA HIS C 127 -2.72 -7.38 1.85
C HIS C 127 -3.54 -8.01 0.72
N PHE C 128 -4.84 -8.13 0.92
CA PHE C 128 -5.77 -8.40 -0.16
C PHE C 128 -7.02 -7.55 0.00
N THR C 129 -7.54 -7.06 -1.11
CA THR C 129 -8.87 -6.48 -1.16
C THR C 129 -9.69 -7.17 -2.25
N PHE C 130 -10.96 -7.37 -1.96
CA PHE C 130 -11.92 -7.84 -2.96
C PHE C 130 -13.03 -6.82 -2.98
N ASN C 131 -13.28 -6.23 -4.16
CA ASN C 131 -14.45 -5.36 -4.38
C ASN C 131 -15.52 -5.97 -5.25
N GLN C 132 -15.13 -6.99 -6.01
CA GLN C 132 -16.06 -7.90 -6.59
C GLN C 132 -15.51 -9.29 -6.35
N PHE C 133 -16.41 -10.25 -6.22
CA PHE C 133 -16.00 -11.63 -6.02
C PHE C 133 -16.22 -12.41 -7.31
N SER C 134 -15.17 -13.07 -7.77
CA SER C 134 -15.24 -13.95 -8.93
C SER C 134 -16.31 -15.02 -8.76
N GLN C 135 -16.92 -15.44 -9.87
CA GLN C 135 -17.89 -16.53 -9.86
C GLN C 135 -17.25 -17.83 -9.32
N ASN C 136 -15.97 -18.01 -9.66
CA ASN C 136 -15.11 -19.09 -9.11
C ASN C 136 -13.89 -18.56 -8.33
N PRO C 137 -14.09 -18.16 -7.05
CA PRO C 137 -13.07 -17.49 -6.23
C PRO C 137 -11.93 -18.41 -5.81
N LYS C 138 -10.94 -18.57 -6.70
CA LYS C 138 -9.89 -19.56 -6.52
C LYS C 138 -8.92 -19.25 -5.40
N ASP C 139 -9.04 -18.06 -4.81
CA ASP C 139 -8.26 -17.67 -3.63
C ASP C 139 -9.10 -17.61 -2.34
N LEU C 140 -10.25 -18.31 -2.35
CA LEU C 140 -11.08 -18.44 -1.14
C LEU C 140 -11.44 -19.88 -0.85
N ILE C 141 -11.26 -20.30 0.40
CA ILE C 141 -11.81 -21.59 0.87
C ILE C 141 -13.28 -21.40 1.26
N LEU C 142 -14.18 -21.78 0.35
CA LEU C 142 -15.61 -21.67 0.60
C LEU C 142 -16.04 -22.87 1.40
N GLN C 143 -16.78 -22.60 2.47
CA GLN C 143 -17.22 -23.65 3.40
C GLN C 143 -18.72 -23.56 3.66
N GLY C 144 -19.37 -24.72 3.63
CA GLY C 144 -20.82 -24.79 3.80
C GLY C 144 -21.58 -24.20 2.62
N ASP C 145 -22.51 -23.30 2.92
CA ASP C 145 -23.42 -22.75 1.91
C ASP C 145 -22.89 -21.48 1.25
N ALA C 146 -21.63 -21.17 1.52
CA ALA C 146 -20.98 -19.98 1.01
C ALA C 146 -20.79 -20.06 -0.49
N SER C 147 -21.37 -19.13 -1.21
CA SER C 147 -21.14 -19.05 -2.65
C SER C 147 -20.96 -17.61 -3.10
N THR C 148 -20.51 -17.42 -4.35
CA THR C 148 -20.62 -16.12 -5.01
C THR C 148 -21.77 -16.13 -6.01
N ASP C 149 -22.58 -15.08 -5.96
CA ASP C 149 -23.70 -14.93 -6.90
C ASP C 149 -23.23 -14.31 -8.21
N SER C 150 -24.17 -14.11 -9.13
CA SER C 150 -23.87 -13.52 -10.45
C SER C 150 -23.66 -12.01 -10.39
N ASP C 151 -23.76 -11.44 -9.19
CA ASP C 151 -23.59 -9.99 -9.00
C ASP C 151 -22.18 -9.61 -8.57
N GLY C 152 -21.34 -10.62 -8.41
CA GLY C 152 -19.99 -10.42 -7.91
C GLY C 152 -20.02 -10.07 -6.43
N ASN C 153 -20.93 -10.74 -5.70
CA ASN C 153 -21.05 -10.64 -4.26
C ASN C 153 -20.86 -11.98 -3.60
N LEU C 154 -20.39 -11.98 -2.36
CA LEU C 154 -20.26 -13.22 -1.63
C LEU C 154 -21.46 -13.45 -0.70
N GLN C 155 -22.27 -14.44 -1.06
CA GLN C 155 -23.38 -14.90 -0.24
C GLN C 155 -22.90 -15.98 0.73
N LEU C 156 -22.64 -15.56 1.96
CA LEU C 156 -22.23 -16.46 3.01
C LEU C 156 -23.31 -17.52 3.21
N THR C 157 -24.56 -17.07 3.28
CA THR C 157 -25.69 -17.95 3.52
C THR C 157 -26.53 -18.03 2.27
N ARG C 158 -27.30 -19.12 2.15
CA ARG C 158 -28.08 -19.46 0.97
C ARG C 158 -29.15 -18.40 0.60
N VAL C 159 -29.34 -18.19 -0.70
CA VAL C 159 -30.40 -17.29 -1.21
C VAL C 159 -31.08 -17.83 -2.49
N SER C 160 -32.37 -18.15 -2.41
CA SER C 160 -33.11 -18.66 -3.57
C SER C 160 -34.12 -17.63 -4.07
N ASN C 161 -34.01 -17.24 -5.34
CA ASN C 161 -34.89 -16.23 -5.95
C ASN C 161 -35.09 -14.95 -5.14
N GLY C 162 -34.00 -14.29 -4.76
CA GLY C 162 -34.10 -13.08 -3.95
C GLY C 162 -34.50 -13.31 -2.49
N SER C 163 -34.75 -14.56 -2.13
CA SER C 163 -35.13 -14.87 -0.77
C SER C 163 -34.09 -15.67 0.01
N PRO C 164 -33.79 -15.23 1.25
CA PRO C 164 -32.94 -15.95 2.18
C PRO C 164 -33.52 -17.31 2.48
N GLN C 165 -32.77 -18.11 3.23
CA GLN C 165 -33.21 -19.47 3.55
C GLN C 165 -32.90 -19.75 5.00
N SER C 166 -33.71 -20.62 5.60
CA SER C 166 -33.55 -21.02 7.00
C SER C 166 -32.39 -21.98 7.21
N ASN C 167 -31.87 -21.98 8.44
CA ASN C 167 -30.83 -22.91 8.89
C ASN C 167 -29.59 -23.08 7.97
N SER C 168 -29.07 -21.95 7.48
CA SER C 168 -27.93 -21.91 6.54
C SER C 168 -26.63 -21.53 7.27
N VAL C 169 -25.53 -22.14 6.86
CA VAL C 169 -24.20 -21.74 7.34
C VAL C 169 -23.17 -21.68 6.21
N GLY C 170 -22.48 -20.55 6.16
CA GLY C 170 -21.42 -20.34 5.22
C GLY C 170 -20.25 -19.65 5.90
N ARG C 171 -19.05 -20.04 5.49
CA ARG C 171 -17.83 -19.36 5.89
C ARG C 171 -16.98 -19.23 4.64
N ALA C 172 -16.23 -18.13 4.55
CA ALA C 172 -15.20 -17.97 3.54
C ALA C 172 -13.90 -17.55 4.23
N LEU C 173 -12.79 -18.15 3.81
CA LEU C 173 -11.47 -17.88 4.37
C LEU C 173 -10.54 -17.49 3.24
N TYR C 174 -9.57 -16.63 3.54
CA TYR C 174 -8.54 -16.33 2.56
C TYR C 174 -7.57 -17.50 2.38
N TYR C 175 -7.43 -17.97 1.14
CA TYR C 175 -6.61 -19.14 0.83
C TYR C 175 -5.25 -19.20 1.53
N ALA C 176 -4.50 -18.11 1.51
CA ALA C 176 -3.16 -18.14 2.07
C ALA C 176 -3.22 -18.05 3.58
N PRO C 177 -2.40 -18.85 4.28
CA PRO C 177 -2.24 -18.69 5.73
C PRO C 177 -1.46 -17.41 6.08
N VAL C 178 -1.72 -16.83 7.24
CA VAL C 178 -1.19 -15.51 7.62
C VAL C 178 -0.28 -15.59 8.82
N HIS C 179 0.95 -15.10 8.67
CA HIS C 179 1.93 -15.19 9.76
C HIS C 179 1.73 -14.05 10.75
N VAL C 180 0.80 -14.27 11.69
CA VAL C 180 0.43 -13.22 12.64
C VAL C 180 1.50 -12.98 13.72
N TRP C 181 2.35 -13.97 13.99
CA TRP C 181 3.41 -13.80 15.02
C TRP C 181 4.63 -14.72 14.92
N ASP C 182 5.78 -14.21 15.34
CA ASP C 182 7.06 -14.92 15.35
C ASP C 182 7.86 -14.44 16.58
N LYS C 183 8.69 -15.31 17.16
CA LYS C 183 9.48 -14.94 18.34
C LYS C 183 10.32 -13.68 18.12
N SER C 184 10.86 -13.55 16.91
CA SER C 184 11.76 -12.45 16.59
C SER C 184 10.98 -11.19 16.17
N ALA C 185 9.65 -11.22 16.32
CA ALA C 185 8.80 -10.09 15.93
C ALA C 185 8.78 -8.98 16.96
N VAL C 186 8.89 -7.74 16.47
CA VAL C 186 8.83 -6.55 17.33
C VAL C 186 7.39 -6.02 17.41
N VAL C 187 6.75 -5.86 16.24
CA VAL C 187 5.36 -5.48 16.15
C VAL C 187 4.60 -6.45 15.23
N ALA C 188 3.34 -6.71 15.57
CA ALA C 188 2.43 -7.36 14.66
C ALA C 188 1.10 -6.62 14.68
N SER C 189 0.50 -6.43 13.50
CA SER C 189 -0.78 -5.75 13.40
C SER C 189 -1.62 -6.26 12.23
N PHE C 190 -2.93 -6.13 12.36
CA PHE C 190 -3.82 -6.39 11.24
C PHE C 190 -4.98 -5.42 11.22
N ASP C 191 -5.55 -5.22 10.03
CA ASP C 191 -6.70 -4.32 9.83
C ASP C 191 -7.64 -4.93 8.78
N ALA C 192 -8.90 -5.10 9.12
CA ALA C 192 -9.82 -5.74 8.22
C ALA C 192 -11.07 -4.89 7.99
N THR C 193 -11.49 -4.81 6.74
CA THR C 193 -12.69 -4.06 6.38
C THR C 193 -13.52 -4.91 5.44
N PHE C 194 -14.83 -4.92 5.67
CA PHE C 194 -15.74 -5.57 4.76
C PHE C 194 -17.06 -4.83 4.71
N THR C 195 -17.73 -4.87 3.57
CA THR C 195 -19.03 -4.25 3.47
C THR C 195 -20.07 -5.34 3.35
N PHE C 196 -21.17 -5.18 4.09
CA PHE C 196 -22.23 -6.19 4.20
C PHE C 196 -23.62 -5.67 3.86
N LEU C 197 -24.51 -6.58 3.52
CA LEU C 197 -25.89 -6.25 3.23
C LEU C 197 -26.76 -7.28 3.94
N ILE C 198 -27.46 -6.85 4.98
CA ILE C 198 -28.41 -7.72 5.67
C ILE C 198 -29.82 -7.24 5.40
N LYS C 199 -30.57 -8.04 4.64
CA LYS C 199 -31.97 -7.77 4.26
C LYS C 199 -32.87 -9.01 4.43
N SER C 200 -34.13 -8.75 4.77
CA SER C 200 -35.17 -9.78 4.82
C SER C 200 -36.55 -9.13 4.62
N THR C 201 -37.55 -9.96 4.32
CA THR C 201 -38.97 -9.53 4.21
C THR C 201 -39.56 -9.34 5.61
N ASP C 202 -39.10 -10.12 6.58
CA ASP C 202 -39.59 -10.03 7.94
C ASP C 202 -38.77 -9.06 8.77
N SER C 203 -39.35 -8.53 9.84
CA SER C 203 -38.64 -7.64 10.76
C SER C 203 -37.81 -8.45 11.77
N ASP C 204 -38.29 -9.65 12.10
CA ASP C 204 -37.49 -10.60 12.89
C ASP C 204 -36.45 -11.27 12.01
N ILE C 205 -35.18 -11.13 12.41
CA ILE C 205 -34.03 -11.64 11.65
C ILE C 205 -33.03 -12.41 12.52
N ALA C 206 -32.27 -13.29 11.88
CA ALA C 206 -31.22 -14.09 12.55
C ALA C 206 -30.20 -14.53 11.50
N ASP C 207 -28.94 -14.76 11.87
CA ASP C 207 -28.40 -14.72 13.25
C ASP C 207 -27.21 -13.76 13.35
N GLY C 208 -26.65 -13.38 12.20
CA GLY C 208 -25.52 -12.45 12.16
C GLY C 208 -24.36 -12.80 11.23
N ILE C 209 -23.41 -11.88 11.14
CA ILE C 209 -22.19 -12.03 10.34
C ILE C 209 -20.98 -11.81 11.26
N ALA C 210 -19.93 -12.60 11.05
CA ALA C 210 -18.72 -12.38 11.80
C ALA C 210 -17.48 -12.54 10.95
N PHE C 211 -16.47 -11.75 11.30
CA PHE C 211 -15.09 -11.89 10.80
C PHE C 211 -14.27 -12.62 11.88
N PHE C 212 -13.46 -13.58 11.46
CA PHE C 212 -12.80 -14.46 12.40
C PHE C 212 -11.37 -14.79 12.04
N ILE C 213 -10.55 -14.92 13.06
CA ILE C 213 -9.20 -15.47 12.94
C ILE C 213 -9.18 -16.82 13.67
N ALA C 214 -8.57 -17.81 13.02
CA ALA C 214 -8.56 -19.20 13.49
C ALA C 214 -7.32 -19.93 13.00
N ASN C 215 -7.22 -21.23 13.31
CA ASN C 215 -6.07 -22.07 12.91
C ASN C 215 -6.16 -22.38 11.44
N THR C 216 -5.03 -22.67 10.82
CA THR C 216 -4.98 -22.81 9.37
C THR C 216 -6.00 -23.82 8.82
N ASP C 217 -6.18 -24.91 9.55
CA ASP C 217 -7.02 -26.02 9.10
C ASP C 217 -8.50 -25.88 9.50
N SER C 218 -8.84 -24.80 10.18
CA SER C 218 -10.16 -24.61 10.79
C SER C 218 -11.29 -24.82 9.82
N SER C 219 -12.29 -25.57 10.27
CA SER C 219 -13.49 -25.78 9.46
C SER C 219 -14.71 -25.61 10.35
N ILE C 220 -15.90 -25.60 9.72
CA ILE C 220 -17.15 -25.37 10.42
C ILE C 220 -17.37 -26.49 11.42
N PRO C 221 -17.37 -26.14 12.73
CA PRO C 221 -17.69 -27.06 13.84
C PRO C 221 -19.04 -27.81 13.70
N HIS C 222 -19.56 -28.36 14.80
CA HIS C 222 -20.72 -29.26 14.70
C HIS C 222 -22.12 -28.62 14.94
N GLY C 223 -22.30 -27.99 16.11
CA GLY C 223 -23.55 -27.29 16.44
C GLY C 223 -23.44 -25.83 16.00
N SER C 224 -22.72 -25.63 14.90
CA SER C 224 -22.29 -24.31 14.47
C SER C 224 -23.45 -23.38 14.24
N GLY C 225 -24.54 -23.94 13.72
CA GLY C 225 -25.63 -23.15 13.14
C GLY C 225 -26.25 -22.06 13.99
N GLY C 226 -27.43 -21.60 13.53
CA GLY C 226 -28.16 -20.52 14.17
C GLY C 226 -27.11 -19.51 14.76
N ARG C 227 -26.92 -19.70 16.06
CA ARG C 227 -26.54 -18.53 16.89
C ARG C 227 -25.12 -18.80 17.34
N LEU C 228 -24.55 -19.87 16.80
CA LEU C 228 -23.12 -20.14 17.00
C LEU C 228 -22.29 -19.62 15.83
N LEU C 229 -23.01 -19.01 14.87
CA LEU C 229 -22.42 -18.25 13.75
C LEU C 229 -21.33 -19.01 12.98
N GLY C 230 -21.42 -20.32 12.97
CA GLY C 230 -20.43 -21.13 12.28
C GLY C 230 -19.09 -21.17 12.97
N LEU C 231 -19.00 -20.57 14.16
CA LEU C 231 -17.71 -20.37 14.84
C LEU C 231 -17.35 -21.42 15.91
N PHE C 232 -18.30 -21.69 16.81
CA PHE C 232 -18.04 -22.57 17.95
C PHE C 232 -19.02 -23.73 17.95
N PRO C 233 -18.63 -24.87 18.57
CA PRO C 233 -19.53 -26.05 18.63
C PRO C 233 -20.51 -26.04 19.83
N ASP C 234 -20.16 -25.33 20.89
CA ASP C 234 -21.03 -25.13 22.06
C ASP C 234 -21.05 -23.67 22.53
N ALA C 235 -21.94 -23.38 23.47
CA ALA C 235 -22.17 -22.02 23.98
C ALA C 235 -21.31 -21.63 25.20
N ASN C 236 -20.40 -22.52 25.58
CA ASN C 236 -19.49 -22.27 26.70
C ASN C 236 -18.58 -21.07 26.44
N ALA D 1 -0.11 -29.01 -21.10
CA ALA D 1 1.16 -28.82 -20.33
C ALA D 1 1.14 -27.49 -19.54
N ASP D 2 2.20 -27.24 -18.76
CA ASP D 2 2.32 -26.01 -17.97
C ASP D 2 2.45 -24.77 -18.84
N THR D 3 1.60 -23.78 -18.55
CA THR D 3 1.62 -22.49 -19.24
C THR D 3 2.47 -21.54 -18.39
N ILE D 4 3.61 -21.11 -18.94
CA ILE D 4 4.65 -20.43 -18.17
C ILE D 4 5.19 -19.13 -18.79
N VAL D 5 5.21 -18.08 -17.95
CA VAL D 5 5.88 -16.83 -18.30
C VAL D 5 6.93 -16.57 -17.23
N ALA D 6 8.16 -16.27 -17.65
CA ALA D 6 9.27 -16.12 -16.72
C ALA D 6 10.30 -15.04 -17.08
N VAL D 7 11.00 -14.56 -16.05
CA VAL D 7 12.20 -13.75 -16.18
C VAL D 7 13.36 -14.59 -15.67
N GLU D 8 14.35 -14.83 -16.53
CA GLU D 8 15.46 -15.69 -16.17
C GLU D 8 16.74 -14.92 -15.92
N LEU D 9 17.37 -15.23 -14.79
CA LEU D 9 18.71 -14.77 -14.48
C LEU D 9 19.68 -15.88 -14.85
N ASP D 10 19.94 -16.03 -16.16
CA ASP D 10 20.64 -17.18 -16.76
C ASP D 10 22.15 -17.12 -16.55
N THR D 11 22.69 -18.02 -15.73
CA THR D 11 24.12 -17.95 -15.37
C THR D 11 25.09 -18.91 -16.12
N TYR D 12 24.57 -19.69 -17.07
CA TYR D 12 25.42 -20.55 -17.89
C TYR D 12 24.95 -20.53 -19.35
N PRO D 13 25.88 -20.22 -20.27
CA PRO D 13 25.48 -20.07 -21.66
C PRO D 13 25.34 -21.41 -22.38
N ASN D 14 24.11 -21.89 -22.51
CA ASN D 14 23.82 -23.10 -23.27
C ASN D 14 23.56 -22.81 -24.74
N THR D 15 24.64 -22.58 -25.51
CA THR D 15 24.49 -22.06 -26.88
C THR D 15 23.78 -23.01 -27.86
N ASP D 16 23.80 -24.31 -27.58
CA ASP D 16 23.07 -25.28 -28.41
C ASP D 16 21.53 -25.21 -28.28
N ILE D 17 21.01 -24.35 -27.40
CA ILE D 17 19.54 -24.15 -27.31
C ILE D 17 19.07 -22.69 -27.40
N GLY D 18 19.92 -21.83 -27.97
CA GLY D 18 19.55 -20.45 -28.26
C GLY D 18 20.01 -19.39 -27.27
N ASP D 19 20.74 -19.81 -26.23
CA ASP D 19 21.34 -18.87 -25.30
C ASP D 19 22.41 -18.05 -25.99
N PRO D 20 22.45 -16.73 -25.74
CA PRO D 20 23.60 -15.95 -26.22
C PRO D 20 24.88 -16.43 -25.53
N ASN D 21 26.01 -16.26 -26.20
CA ASN D 21 27.26 -16.84 -25.74
C ASN D 21 27.88 -16.12 -24.53
N TYR D 22 27.04 -15.75 -23.57
CA TYR D 22 27.46 -15.15 -22.30
C TYR D 22 26.37 -15.28 -21.25
N GLN D 23 26.66 -14.83 -20.03
CA GLN D 23 25.65 -14.79 -18.98
C GLN D 23 24.65 -13.69 -19.32
N HIS D 24 23.40 -13.86 -18.92
CA HIS D 24 22.37 -12.94 -19.35
C HIS D 24 21.12 -12.99 -18.51
N ILE D 25 20.27 -12.00 -18.78
CA ILE D 25 18.93 -11.89 -18.22
C ILE D 25 17.94 -12.07 -19.39
N GLY D 26 16.76 -12.65 -19.18
CA GLY D 26 15.88 -12.91 -20.32
C GLY D 26 14.38 -13.01 -20.05
N ILE D 27 13.57 -12.77 -21.08
CA ILE D 27 12.11 -12.87 -20.98
C ILE D 27 11.58 -14.19 -21.60
N ASN D 28 10.99 -15.04 -20.76
CA ASN D 28 10.49 -16.31 -21.26
C ASN D 28 8.97 -16.33 -21.43
N ILE D 29 8.55 -16.53 -22.68
CA ILE D 29 7.16 -16.76 -23.00
C ILE D 29 7.02 -18.19 -23.52
N LYS D 30 6.50 -19.06 -22.64
CA LYS D 30 6.17 -20.47 -22.93
C LYS D 30 7.28 -21.33 -23.57
N SER D 31 8.53 -20.98 -23.28
CA SER D 31 9.73 -21.62 -23.88
C SER D 31 11.01 -21.09 -23.21
N ILE D 32 12.03 -21.93 -23.11
CA ILE D 32 13.29 -21.44 -22.56
C ILE D 32 14.12 -20.58 -23.54
N ARG D 33 13.71 -20.57 -24.81
CA ARG D 33 14.34 -19.73 -25.81
C ARG D 33 13.76 -18.32 -25.68
N SER D 34 14.46 -17.50 -24.88
CA SER D 34 13.93 -16.21 -24.46
C SER D 34 13.61 -15.33 -25.65
N LYS D 35 12.46 -14.65 -25.60
CA LYS D 35 12.00 -13.78 -26.71
C LYS D 35 12.82 -12.51 -26.86
N ALA D 36 13.45 -12.08 -25.77
CA ALA D 36 14.43 -11.01 -25.78
C ALA D 36 15.40 -11.34 -24.65
N THR D 37 16.68 -11.03 -24.86
CA THR D 37 17.75 -11.31 -23.88
C THR D 37 18.72 -10.14 -23.79
N THR D 38 19.36 -9.94 -22.65
CA THR D 38 20.34 -8.85 -22.51
C THR D 38 21.53 -9.26 -21.66
N ARG D 39 22.72 -8.84 -22.08
CA ARG D 39 23.96 -9.16 -21.37
C ARG D 39 23.87 -8.84 -19.87
N TRP D 40 24.35 -9.76 -19.04
CA TRP D 40 24.33 -9.59 -17.59
C TRP D 40 25.54 -10.30 -16.98
N ASN D 41 26.32 -9.59 -16.18
CA ASN D 41 27.48 -10.20 -15.51
C ASN D 41 27.22 -10.51 -14.03
N VAL D 42 27.16 -11.80 -13.73
CA VAL D 42 27.03 -12.27 -12.36
C VAL D 42 28.23 -11.81 -11.54
N GLN D 43 27.96 -11.21 -10.38
CA GLN D 43 29.02 -10.82 -9.45
C GLN D 43 28.97 -11.79 -8.28
N ASP D 44 29.94 -12.69 -8.26
CA ASP D 44 29.98 -13.79 -7.31
C ASP D 44 30.12 -13.30 -5.89
N GLY D 45 29.21 -13.74 -5.02
CA GLY D 45 29.21 -13.38 -3.59
C GLY D 45 28.41 -12.14 -3.22
N LYS D 46 27.72 -11.56 -4.19
CA LYS D 46 27.03 -10.29 -3.98
C LYS D 46 25.51 -10.34 -4.07
N VAL D 47 24.85 -9.69 -3.11
CA VAL D 47 23.40 -9.52 -3.11
C VAL D 47 22.97 -8.61 -4.26
N GLY D 48 22.33 -9.23 -5.25
CA GLY D 48 21.73 -8.48 -6.34
C GLY D 48 20.24 -8.25 -6.12
N THR D 49 19.68 -7.32 -6.89
CA THR D 49 18.28 -6.96 -6.76
C THR D 49 17.63 -7.00 -8.12
N ALA D 50 16.41 -7.53 -8.16
CA ALA D 50 15.66 -7.67 -9.40
C ALA D 50 14.26 -7.11 -9.26
N HIS D 51 13.88 -6.26 -10.19
CA HIS D 51 12.53 -5.73 -10.25
C HIS D 51 11.90 -6.10 -11.60
N ILE D 52 10.68 -6.62 -11.51
CA ILE D 52 9.91 -6.97 -12.69
C ILE D 52 8.61 -6.16 -12.67
N SER D 53 8.10 -5.87 -13.86
CA SER D 53 6.95 -5.01 -14.00
C SER D 53 6.14 -5.32 -15.24
N TYR D 54 4.81 -5.27 -15.08
CA TYR D 54 3.92 -5.38 -16.23
C TYR D 54 2.63 -4.54 -16.08
N ASN D 55 2.13 -4.03 -17.18
CA ASN D 55 0.85 -3.37 -17.20
C ASN D 55 0.09 -3.68 -18.48
N SER D 56 -1.19 -4.07 -18.35
CA SER D 56 -1.97 -4.59 -19.47
C SER D 56 -2.32 -3.59 -20.56
N VAL D 57 -2.18 -2.30 -20.24
CA VAL D 57 -2.39 -1.24 -21.23
C VAL D 57 -1.13 -1.04 -22.06
N ALA D 58 0.01 -0.96 -21.38
CA ALA D 58 1.33 -0.86 -22.02
C ALA D 58 1.70 -2.12 -22.80
N LYS D 59 1.20 -3.28 -22.34
CA LYS D 59 1.53 -4.59 -22.92
C LYS D 59 3.02 -4.73 -23.11
N ARG D 60 3.74 -4.53 -22.02
CA ARG D 60 5.18 -4.46 -22.08
C ARG D 60 5.78 -4.92 -20.78
N LEU D 61 6.38 -6.09 -20.82
CA LEU D 61 6.96 -6.73 -19.64
C LEU D 61 8.45 -6.40 -19.59
N SER D 62 8.85 -5.66 -18.56
CA SER D 62 10.22 -5.23 -18.41
C SER D 62 10.84 -5.80 -17.14
N ALA D 63 12.14 -6.05 -17.17
CA ALA D 63 12.85 -6.50 -15.98
C ALA D 63 14.18 -5.75 -15.79
N ILE D 64 14.57 -5.55 -14.53
CA ILE D 64 15.81 -4.85 -14.23
C ILE D 64 16.51 -5.49 -13.03
N VAL D 65 17.74 -5.94 -13.26
CA VAL D 65 18.49 -6.61 -12.21
C VAL D 65 19.86 -5.96 -12.09
N SER D 66 20.27 -5.72 -10.85
CA SER D 66 21.42 -4.87 -10.61
C SER D 66 22.16 -5.24 -9.34
N TYR D 67 23.27 -4.55 -9.11
CA TYR D 67 24.08 -4.68 -7.91
C TYR D 67 24.48 -3.26 -7.50
N PRO D 68 24.87 -3.02 -6.22
CA PRO D 68 25.39 -1.70 -5.82
C PRO D 68 26.27 -1.04 -6.92
N GLY D 69 26.00 0.25 -7.19
CA GLY D 69 26.54 1.01 -8.34
C GLY D 69 27.78 0.42 -9.04
N GLY D 70 27.83 0.34 -10.38
CA GLY D 70 26.88 0.91 -11.34
C GLY D 70 25.46 0.40 -11.19
N SER D 71 25.20 -0.86 -11.53
CA SER D 71 25.92 -1.67 -12.51
C SER D 71 24.79 -2.60 -12.93
N SER D 72 23.96 -2.12 -13.82
CA SER D 72 22.61 -2.63 -13.93
C SER D 72 22.18 -3.04 -15.35
N ALA D 73 21.54 -4.21 -15.43
CA ALA D 73 21.14 -4.80 -16.71
C ALA D 73 19.63 -4.89 -16.84
N THR D 74 19.12 -4.47 -18.00
CA THR D 74 17.67 -4.36 -18.27
C THR D 74 17.20 -5.01 -19.58
N VAL D 75 15.98 -5.59 -19.53
CA VAL D 75 15.38 -6.27 -20.69
C VAL D 75 13.85 -6.21 -20.70
N SER D 76 13.29 -5.93 -21.86
CA SER D 76 11.84 -5.91 -22.01
C SER D 76 11.38 -6.51 -23.33
N TYR D 77 10.08 -6.78 -23.42
CA TYR D 77 9.50 -7.46 -24.57
C TYR D 77 8.03 -7.11 -24.58
N ASP D 78 7.55 -6.65 -25.73
CA ASP D 78 6.15 -6.22 -25.80
C ASP D 78 5.31 -7.44 -26.04
N VAL D 79 4.32 -7.63 -25.18
CA VAL D 79 3.49 -8.82 -25.23
C VAL D 79 2.17 -8.65 -24.45
N ASP D 80 1.08 -9.16 -25.04
CA ASP D 80 -0.22 -9.17 -24.35
C ASP D 80 -0.32 -10.43 -23.52
N LEU D 81 0.17 -10.38 -22.30
CA LEU D 81 0.22 -11.55 -21.42
C LEU D 81 -1.14 -12.05 -20.98
N ASN D 82 -2.17 -11.24 -21.19
CA ASN D 82 -3.49 -11.59 -20.72
C ASN D 82 -4.24 -12.43 -21.77
N ASN D 83 -3.56 -12.66 -22.88
CA ASN D 83 -3.97 -13.60 -23.92
C ASN D 83 -3.07 -14.81 -23.91
N ILE D 84 -2.16 -14.85 -22.94
CA ILE D 84 -1.20 -15.95 -22.84
C ILE D 84 -1.36 -16.76 -21.54
N LEU D 85 -1.74 -16.08 -20.46
CA LEU D 85 -1.88 -16.70 -19.16
C LEU D 85 -3.34 -17.01 -18.80
N PRO D 86 -3.55 -18.06 -17.99
CA PRO D 86 -4.89 -18.32 -17.46
C PRO D 86 -5.34 -17.18 -16.57
N GLU D 87 -6.64 -16.91 -16.57
CA GLU D 87 -7.27 -15.97 -15.65
C GLU D 87 -6.59 -15.96 -14.28
N TRP D 88 -6.61 -17.13 -13.63
CA TRP D 88 -5.96 -17.32 -12.35
C TRP D 88 -4.61 -17.97 -12.57
N VAL D 89 -3.63 -17.55 -11.78
CA VAL D 89 -2.27 -18.05 -11.90
C VAL D 89 -1.67 -18.19 -10.52
N ARG D 90 -0.49 -18.80 -10.46
CA ARG D 90 0.35 -18.75 -9.26
C ARG D 90 1.70 -18.12 -9.59
N VAL D 91 2.19 -17.27 -8.70
CA VAL D 91 3.51 -16.66 -8.89
C VAL D 91 4.57 -17.41 -8.10
N GLY D 92 5.78 -17.50 -8.65
CA GLY D 92 6.87 -18.14 -7.95
C GLY D 92 8.30 -17.85 -8.38
N LEU D 93 9.22 -18.45 -7.63
CA LEU D 93 10.65 -18.41 -7.93
C LEU D 93 11.16 -19.83 -8.14
N SER D 94 12.04 -20.01 -9.10
CA SER D 94 12.70 -21.30 -9.31
C SER D 94 14.18 -21.14 -9.67
N ALA D 95 14.99 -22.14 -9.31
CA ALA D 95 16.42 -22.12 -9.61
C ALA D 95 16.95 -23.55 -9.79
N SER D 96 18.12 -23.66 -10.42
CA SER D 96 18.73 -24.98 -10.70
C SER D 96 20.26 -24.93 -10.85
N THR D 97 20.91 -26.04 -10.51
CA THR D 97 22.32 -26.21 -10.79
C THR D 97 22.51 -27.46 -11.66
N GLY D 98 23.60 -27.47 -12.45
CA GLY D 98 24.01 -28.66 -13.23
C GLY D 98 25.19 -29.38 -12.60
N LEU D 99 26.09 -29.89 -13.45
CA LEU D 99 27.38 -30.41 -12.99
C LEU D 99 28.03 -29.29 -12.21
N TYR D 100 28.14 -28.13 -12.85
CA TYR D 100 28.51 -26.89 -12.20
C TYR D 100 27.38 -26.38 -11.30
N LYS D 101 27.74 -25.76 -10.18
CA LYS D 101 26.77 -25.38 -9.14
C LYS D 101 26.93 -23.94 -8.61
N GLU D 102 25.92 -23.48 -7.86
CA GLU D 102 25.86 -22.15 -7.21
C GLU D 102 24.79 -22.15 -6.13
N THR D 103 24.89 -21.23 -5.18
CA THR D 103 23.78 -20.98 -4.28
C THR D 103 22.79 -20.14 -5.05
N ASN D 104 21.50 -20.41 -4.86
CA ASN D 104 20.45 -19.57 -5.39
C ASN D 104 19.59 -19.13 -4.21
N THR D 105 20.22 -18.35 -3.33
CA THR D 105 19.64 -17.86 -2.08
C THR D 105 18.74 -16.64 -2.33
N ILE D 106 17.50 -16.68 -1.84
CA ILE D 106 16.61 -15.54 -1.88
C ILE D 106 16.59 -14.92 -0.49
N LEU D 107 16.90 -13.63 -0.43
CA LEU D 107 16.91 -12.91 0.83
C LEU D 107 15.57 -12.19 1.06
N SER D 108 15.01 -11.59 0.02
CA SER D 108 13.69 -10.97 0.10
C SER D 108 12.87 -11.19 -1.16
N TRP D 109 11.55 -11.12 -1.03
CA TRP D 109 10.66 -11.28 -2.17
C TRP D 109 9.41 -10.47 -1.90
N SER D 110 8.97 -9.71 -2.89
CA SER D 110 7.71 -8.98 -2.78
C SER D 110 6.96 -8.98 -4.10
N PHE D 111 5.65 -8.78 -4.03
CA PHE D 111 4.79 -8.93 -5.17
C PHE D 111 3.49 -8.18 -4.98
N THR D 112 3.04 -7.55 -6.05
CA THR D 112 1.79 -6.80 -6.09
C THR D 112 0.97 -7.18 -7.34
N SER D 113 -0.33 -7.41 -7.17
CA SER D 113 -1.21 -7.63 -8.30
C SER D 113 -2.50 -6.82 -8.18
N LYS D 114 -2.78 -6.05 -9.23
CA LYS D 114 -3.95 -5.18 -9.28
C LYS D 114 -4.82 -5.55 -10.46
N LEU D 115 -6.08 -5.82 -10.18
CA LEU D 115 -7.04 -6.11 -11.22
C LEU D 115 -8.11 -5.04 -11.05
N LYS D 116 -7.95 -3.94 -11.79
CA LYS D 116 -8.96 -2.92 -11.75
C LYS D 116 -9.78 -3.06 -13.01
N THR D 117 -10.89 -3.77 -12.87
CA THR D 117 -11.96 -3.69 -13.85
C THR D 117 -12.91 -2.70 -13.21
N ASN D 118 -12.32 -1.87 -12.34
CA ASN D 118 -13.11 -0.96 -11.55
C ASN D 118 -12.86 0.54 -11.81
N SER D 119 -12.95 1.30 -10.72
CA SER D 119 -12.65 2.73 -10.65
C SER D 119 -11.88 2.93 -9.33
N THR D 120 -10.57 2.59 -9.39
CA THR D 120 -9.59 2.60 -8.23
C THR D 120 -10.15 2.70 -6.81
N ALA D 121 -10.42 1.47 -6.42
CA ALA D 121 -10.96 0.93 -5.22
C ALA D 121 -11.08 -0.33 -6.11
N ASP D 122 -9.94 -1.01 -6.20
CA ASP D 122 -9.68 -2.17 -7.06
C ASP D 122 -10.78 -3.20 -6.97
N ALA D 123 -11.13 -3.81 -8.09
CA ALA D 123 -11.96 -5.00 -8.01
C ALA D 123 -11.24 -6.03 -7.11
N GLN D 124 -9.95 -6.22 -7.36
CA GLN D 124 -9.20 -7.28 -6.68
C GLN D 124 -7.73 -6.95 -6.62
N SER D 125 -7.19 -6.84 -5.41
CA SER D 125 -5.78 -6.53 -5.23
C SER D 125 -5.09 -7.57 -4.34
N LEU D 126 -3.83 -7.84 -4.62
CA LEU D 126 -3.03 -8.67 -3.74
C LEU D 126 -1.62 -8.13 -3.63
N HIS D 127 -1.11 -8.09 -2.41
CA HIS D 127 0.25 -7.68 -2.17
C HIS D 127 0.89 -8.51 -1.06
N PHE D 128 2.12 -8.99 -1.28
CA PHE D 128 2.90 -9.63 -0.21
C PHE D 128 4.40 -9.36 -0.29
N THR D 129 5.04 -9.35 0.87
CA THR D 129 6.48 -9.25 0.95
C THR D 129 7.05 -10.13 2.06
N PHE D 130 8.25 -10.65 1.81
CA PHE D 130 9.06 -11.33 2.79
C PHE D 130 10.44 -10.68 2.73
N ASN D 131 10.96 -10.28 3.89
CA ASN D 131 12.34 -9.80 4.04
C ASN D 131 13.14 -10.78 4.86
N GLN D 132 12.42 -11.62 5.57
CA GLN D 132 12.97 -12.80 6.19
C GLN D 132 11.98 -13.94 5.98
N PHE D 133 12.49 -15.11 5.62
CA PHE D 133 11.63 -16.25 5.42
C PHE D 133 11.62 -17.08 6.67
N SER D 134 10.42 -17.50 7.07
CA SER D 134 10.22 -18.31 8.28
C SER D 134 10.81 -19.70 8.10
N GLN D 135 11.38 -20.27 9.16
CA GLN D 135 11.89 -21.66 9.08
C GLN D 135 10.81 -22.70 8.80
N ASN D 136 9.55 -22.33 9.03
CA ASN D 136 8.46 -23.08 8.41
C ASN D 136 7.41 -22.19 7.80
N PRO D 137 7.46 -22.03 6.46
CA PRO D 137 6.61 -21.12 5.72
C PRO D 137 5.28 -21.75 5.26
N LYS D 138 4.28 -21.68 6.12
CA LYS D 138 2.93 -22.12 5.79
C LYS D 138 2.39 -21.47 4.54
N ASP D 139 2.90 -20.29 4.19
CA ASP D 139 2.39 -19.57 3.00
C ASP D 139 3.27 -19.67 1.73
N LEU D 140 4.18 -20.64 1.71
CA LEU D 140 4.88 -20.99 0.47
C LEU D 140 4.66 -22.45 0.07
N ILE D 141 4.39 -22.68 -1.21
CA ILE D 141 4.33 -24.03 -1.73
C ILE D 141 5.76 -24.36 -2.14
N LEU D 142 6.53 -24.93 -1.21
CA LEU D 142 7.90 -25.36 -1.52
C LEU D 142 7.87 -26.66 -2.34
N GLN D 143 8.69 -26.69 -3.38
CA GLN D 143 8.56 -27.68 -4.43
C GLN D 143 9.85 -28.34 -4.85
N GLY D 144 10.99 -27.82 -4.44
CA GLY D 144 12.19 -28.47 -4.92
C GLY D 144 13.03 -29.09 -3.84
N ASP D 145 14.32 -28.81 -3.93
CA ASP D 145 15.23 -28.92 -2.83
C ASP D 145 15.06 -27.62 -2.05
N ALA D 146 13.97 -26.94 -2.35
CA ALA D 146 13.71 -25.61 -1.81
C ALA D 146 13.27 -25.68 -0.36
N SER D 147 14.18 -25.23 0.52
CA SER D 147 13.86 -25.03 1.93
C SER D 147 14.38 -23.67 2.38
N THR D 148 14.08 -23.30 3.63
CA THR D 148 14.60 -22.05 4.17
C THR D 148 15.62 -22.33 5.27
N ASP D 149 16.80 -21.71 5.16
CA ASP D 149 17.87 -21.92 6.14
C ASP D 149 17.53 -21.32 7.51
N SER D 150 18.50 -21.40 8.42
CA SER D 150 18.33 -20.84 9.75
C SER D 150 18.63 -19.33 9.75
N ASP D 151 19.00 -18.79 8.60
CA ASP D 151 19.25 -17.36 8.50
C ASP D 151 17.98 -16.57 8.22
N GLY D 152 16.92 -17.27 7.80
CA GLY D 152 15.70 -16.60 7.37
C GLY D 152 15.83 -16.23 5.91
N ASN D 153 16.64 -17.03 5.20
CA ASN D 153 16.77 -16.93 3.74
C ASN D 153 16.26 -18.21 3.12
N LEU D 154 15.88 -18.14 1.85
CA LEU D 154 15.25 -19.24 1.14
C LEU D 154 16.25 -19.83 0.15
N GLN D 155 16.63 -21.08 0.39
CA GLN D 155 17.58 -21.79 -0.45
C GLN D 155 16.84 -22.62 -1.46
N LEU D 156 16.83 -22.12 -2.69
CA LEU D 156 16.08 -22.74 -3.78
C LEU D 156 16.78 -23.99 -4.28
N THR D 157 18.12 -23.97 -4.24
CA THR D 157 18.95 -25.15 -4.53
C THR D 157 19.69 -25.59 -3.27
N ARG D 158 19.94 -26.91 -3.13
CA ARG D 158 20.45 -27.47 -1.88
C ARG D 158 21.83 -26.95 -1.58
N VAL D 159 22.09 -26.68 -0.29
CA VAL D 159 23.41 -26.28 0.18
C VAL D 159 23.80 -27.14 1.39
N SER D 160 24.90 -27.87 1.27
CA SER D 160 25.43 -28.64 2.40
C SER D 160 26.63 -27.94 2.97
N ASN D 161 26.64 -27.78 4.29
CA ASN D 161 27.80 -27.25 5.02
C ASN D 161 28.37 -26.00 4.36
N GLY D 162 27.48 -25.05 4.04
CA GLY D 162 27.87 -23.80 3.36
C GLY D 162 28.19 -23.94 1.87
N SER D 163 28.17 -25.16 1.36
CA SER D 163 28.56 -25.41 -0.03
C SER D 163 27.40 -25.90 -0.92
N PRO D 164 27.19 -25.23 -2.07
CA PRO D 164 26.19 -25.63 -3.08
C PRO D 164 26.39 -27.03 -3.68
N GLN D 165 25.30 -27.73 -4.01
CA GLN D 165 25.37 -29.09 -4.59
C GLN D 165 25.04 -29.14 -6.09
N SER D 166 25.53 -30.16 -6.78
CA SER D 166 25.24 -30.35 -8.20
C SER D 166 23.86 -31.03 -8.43
N ASN D 167 23.25 -30.73 -9.57
CA ASN D 167 21.99 -31.37 -9.98
C ASN D 167 20.78 -31.11 -9.07
N SER D 168 20.64 -29.88 -8.62
CA SER D 168 19.60 -29.51 -7.68
C SER D 168 18.53 -28.66 -8.37
N VAL D 169 17.26 -28.95 -8.08
CA VAL D 169 16.15 -28.08 -8.53
C VAL D 169 15.25 -27.73 -7.37
N GLY D 170 14.76 -26.49 -7.38
CA GLY D 170 13.84 -26.00 -6.35
C GLY D 170 13.01 -24.83 -6.83
N ARG D 171 11.77 -24.77 -6.36
CA ARG D 171 10.85 -23.69 -6.70
C ARG D 171 10.03 -23.36 -5.46
N ALA D 172 9.59 -22.11 -5.36
CA ALA D 172 8.72 -21.67 -4.27
C ALA D 172 7.61 -20.85 -4.85
N LEU D 173 6.38 -21.25 -4.58
CA LEU D 173 5.22 -20.57 -5.09
C LEU D 173 4.43 -19.96 -3.96
N TYR D 174 3.89 -18.76 -4.16
CA TYR D 174 3.03 -18.18 -3.13
C TYR D 174 1.74 -18.96 -3.04
N TYR D 175 1.26 -19.15 -1.82
CA TYR D 175 0.15 -20.03 -1.56
C TYR D 175 -1.13 -19.63 -2.28
N ALA D 176 -1.53 -18.37 -2.13
CA ALA D 176 -2.76 -17.88 -2.72
C ALA D 176 -2.64 -17.81 -4.21
N PRO D 177 -3.63 -18.32 -4.93
CA PRO D 177 -3.71 -18.05 -6.36
C PRO D 177 -3.88 -16.55 -6.62
N VAL D 178 -3.45 -16.08 -7.79
CA VAL D 178 -3.53 -14.66 -8.12
C VAL D 178 -4.48 -14.45 -9.30
N HIS D 179 -5.43 -13.51 -9.16
CA HIS D 179 -6.42 -13.29 -10.21
C HIS D 179 -5.85 -12.26 -11.16
N VAL D 180 -5.21 -12.74 -12.21
CA VAL D 180 -4.48 -11.87 -13.15
C VAL D 180 -5.37 -11.16 -14.17
N TRP D 181 -6.47 -11.81 -14.53
CA TRP D 181 -7.33 -11.23 -15.53
C TRP D 181 -8.78 -11.73 -15.48
N ASP D 182 -9.72 -10.82 -15.72
CA ASP D 182 -11.15 -11.16 -15.75
C ASP D 182 -11.76 -10.55 -17.00
N LYS D 183 -12.83 -11.17 -17.49
CA LYS D 183 -13.54 -10.63 -18.65
C LYS D 183 -14.00 -9.18 -18.44
N SER D 184 -14.35 -8.84 -17.21
CA SER D 184 -14.84 -7.50 -16.93
C SER D 184 -13.68 -6.54 -16.64
N ALA D 185 -12.47 -6.94 -17.01
CA ALA D 185 -11.26 -6.17 -16.65
C ALA D 185 -10.94 -5.00 -17.55
N VAL D 186 -10.53 -3.88 -16.95
CA VAL D 186 -10.10 -2.72 -17.72
C VAL D 186 -8.57 -2.69 -17.80
N VAL D 187 -7.92 -2.72 -16.63
CA VAL D 187 -6.45 -2.79 -16.50
C VAL D 187 -6.10 -3.87 -15.50
N ALA D 188 -5.09 -4.67 -15.83
CA ALA D 188 -4.41 -5.45 -14.81
C ALA D 188 -2.94 -5.11 -14.88
N SER D 189 -2.24 -5.39 -13.80
CA SER D 189 -0.83 -5.06 -13.69
C SER D 189 -0.20 -5.88 -12.57
N PHE D 190 1.12 -6.08 -12.64
CA PHE D 190 1.86 -6.64 -11.53
C PHE D 190 3.32 -6.15 -11.41
N ASP D 191 3.83 -6.19 -10.18
CA ASP D 191 5.22 -5.85 -9.90
C ASP D 191 5.78 -6.84 -8.90
N ALA D 192 6.99 -7.32 -9.17
CA ALA D 192 7.72 -8.16 -8.24
C ALA D 192 9.14 -7.64 -8.05
N THR D 193 9.61 -7.72 -6.81
CA THR D 193 11.01 -7.46 -6.50
C THR D 193 11.54 -8.65 -5.72
N PHE D 194 12.75 -9.08 -6.04
CA PHE D 194 13.48 -10.00 -5.17
C PHE D 194 14.97 -9.67 -5.09
N THR D 195 15.59 -10.04 -3.98
CA THR D 195 17.02 -9.87 -3.83
C THR D 195 17.65 -11.24 -3.63
N PHE D 196 18.77 -11.46 -4.29
CA PHE D 196 19.35 -12.77 -4.40
C PHE D 196 20.87 -12.75 -4.16
N LEU D 197 21.41 -13.90 -3.77
CA LEU D 197 22.86 -14.06 -3.55
C LEU D 197 23.40 -15.30 -4.26
N ILE D 198 24.01 -15.08 -5.42
CA ILE D 198 24.63 -16.17 -6.21
C ILE D 198 26.09 -16.25 -5.84
N LYS D 199 26.45 -17.34 -5.17
CA LYS D 199 27.79 -17.49 -4.59
C LYS D 199 28.33 -18.87 -4.98
N SER D 200 29.64 -18.93 -5.24
CA SER D 200 30.32 -20.22 -5.39
C SER D 200 31.84 -20.13 -5.27
N THR D 201 32.48 -21.24 -4.91
CA THR D 201 33.95 -21.28 -4.84
C THR D 201 34.60 -21.80 -6.13
N ASP D 202 33.78 -22.38 -7.02
CA ASP D 202 34.24 -22.83 -8.32
C ASP D 202 34.25 -21.67 -9.29
N SER D 203 35.27 -21.59 -10.14
CA SER D 203 35.33 -20.50 -11.11
C SER D 203 34.16 -20.51 -12.13
N ASP D 204 33.63 -21.69 -12.44
CA ASP D 204 32.42 -21.79 -13.27
C ASP D 204 31.19 -22.20 -12.46
N ILE D 205 30.02 -21.71 -12.88
CA ILE D 205 28.77 -21.95 -12.14
C ILE D 205 27.56 -22.18 -13.06
N ALA D 206 26.41 -22.47 -12.46
CA ALA D 206 25.18 -22.78 -13.19
C ALA D 206 24.04 -23.02 -12.22
N ASP D 207 22.77 -22.91 -12.65
CA ASP D 207 22.35 -22.53 -14.01
C ASP D 207 21.59 -21.20 -14.03
N GLY D 208 21.02 -20.79 -12.89
CA GLY D 208 20.28 -19.52 -12.78
C GLY D 208 19.04 -19.50 -11.89
N ILE D 209 18.48 -18.31 -11.68
CA ILE D 209 17.24 -18.12 -10.91
C ILE D 209 16.19 -17.54 -11.84
N ALA D 210 14.93 -17.81 -11.57
CA ALA D 210 13.84 -17.33 -12.40
C ALA D 210 12.64 -16.94 -11.59
N PHE D 211 12.01 -15.85 -12.00
CA PHE D 211 10.67 -15.49 -11.56
C PHE D 211 9.69 -16.03 -12.61
N PHE D 212 8.53 -16.49 -12.13
CA PHE D 212 7.59 -17.09 -13.04
C PHE D 212 6.19 -17.03 -12.53
N ILE D 213 5.29 -16.99 -13.49
CA ILE D 213 3.87 -17.10 -13.27
C ILE D 213 3.40 -18.24 -14.13
N ALA D 214 2.68 -19.17 -13.52
CA ALA D 214 2.15 -20.30 -14.27
C ALA D 214 0.76 -20.63 -13.76
N ASN D 215 0.12 -21.61 -14.40
CA ASN D 215 -1.18 -22.17 -13.97
C ASN D 215 -1.14 -22.61 -12.50
N THR D 216 -2.29 -22.55 -11.83
CA THR D 216 -2.33 -22.62 -10.37
C THR D 216 -1.79 -23.93 -9.81
N ASP D 217 -1.84 -24.97 -10.63
CA ASP D 217 -1.42 -26.31 -10.21
C ASP D 217 -0.05 -26.73 -10.73
N SER D 218 0.70 -25.78 -11.29
CA SER D 218 2.02 -26.07 -11.84
C SER D 218 2.91 -26.76 -10.82
N SER D 219 3.78 -27.64 -11.32
CA SER D 219 4.74 -28.37 -10.51
C SER D 219 5.98 -28.56 -11.36
N ILE D 220 7.06 -29.02 -10.73
CA ILE D 220 8.33 -29.24 -11.43
C ILE D 220 8.14 -30.21 -12.58
N PRO D 221 8.28 -29.71 -13.82
CA PRO D 221 8.27 -30.57 -15.02
C PRO D 221 9.31 -31.70 -14.96
N HIS D 222 9.53 -32.41 -16.06
CA HIS D 222 10.27 -33.66 -15.92
C HIS D 222 11.73 -33.68 -16.35
N GLY D 223 12.05 -32.94 -17.42
CA GLY D 223 13.46 -32.78 -17.81
C GLY D 223 14.02 -31.46 -17.34
N SER D 224 13.33 -30.86 -16.36
CA SER D 224 13.48 -29.44 -16.06
C SER D 224 14.76 -29.09 -15.29
N GLY D 225 15.62 -30.09 -15.07
CA GLY D 225 16.87 -29.85 -14.34
C GLY D 225 17.86 -29.00 -15.10
N GLY D 226 18.85 -28.46 -14.39
CA GLY D 226 19.96 -27.80 -15.04
C GLY D 226 19.54 -26.64 -15.93
N ARG D 227 19.82 -26.77 -17.23
CA ARG D 227 19.62 -25.66 -18.16
C ARG D 227 18.15 -25.25 -18.37
N LEU D 228 17.20 -26.05 -17.88
CA LEU D 228 15.79 -25.70 -18.08
C LEU D 228 15.13 -24.98 -16.88
N LEU D 229 15.96 -24.71 -15.87
CA LEU D 229 15.64 -23.84 -14.73
C LEU D 229 14.42 -24.27 -13.92
N GLY D 230 14.15 -25.56 -13.94
CA GLY D 230 12.98 -26.11 -13.27
C GLY D 230 11.68 -25.58 -13.86
N LEU D 231 11.71 -25.15 -15.11
CA LEU D 231 10.54 -24.48 -15.71
C LEU D 231 9.87 -25.30 -16.81
N PHE D 232 10.69 -25.89 -17.67
CA PHE D 232 10.20 -26.47 -18.91
C PHE D 232 10.59 -27.95 -19.02
N PRO D 233 9.69 -28.78 -19.62
CA PRO D 233 9.99 -30.21 -19.83
C PRO D 233 10.98 -30.43 -21.00
N ASP D 234 10.88 -29.61 -22.03
CA ASP D 234 11.85 -29.69 -23.13
C ASP D 234 12.47 -28.32 -23.42
N ALA D 235 13.16 -28.18 -24.54
CA ALA D 235 13.82 -26.93 -24.89
C ALA D 235 13.36 -26.39 -26.26
N ASN D 236 12.07 -26.52 -26.53
CA ASN D 236 11.49 -26.01 -27.78
C ASN D 236 11.10 -24.54 -27.66
CA CA E . -9.41 20.16 -28.23
MN MN F . -6.02 17.05 -28.62
CA CA G . 14.90 15.28 28.84
MN MN H . 11.00 13.22 28.89
CA CA I . -27.16 -14.48 18.59
MN MN J . -23.70 -12.15 20.73
CA CA K . 21.30 -21.33 -19.54
MN MN L . 18.95 -18.19 -21.37
#